data_6H7L
#
_entry.id   6H7L
#
_cell.length_a   116.513
_cell.length_b   119.699
_cell.length_c   129.156
_cell.angle_alpha   90.00
_cell.angle_beta   90.00
_cell.angle_gamma   90.00
#
_symmetry.space_group_name_H-M   'P 21 21 21'
#
loop_
_entity.id
_entity.type
_entity.pdbx_description
1 polymer 'Thioredoxin 1'
2 polymer 'Beta-1 adrenergic receptor'
3 polymer 'Camelid antibody fragment Nb6B9'
4 non-polymer HEGA-10
5 non-polymer 'SODIUM ION'
6 non-polymer DOBUTAMINE
7 water water
#
loop_
_entity_poly.entity_id
_entity_poly.type
_entity_poly.pdbx_seq_one_letter_code
_entity_poly.pdbx_strand_id
1 'polypeptide(L)'
;SDKIIHLTDDSFDTDVLKADGAILVDFWAEWSGPSKMIAPILDEIADEYQGKLTVAKLNIDQNPGTAPKYGIRGIPTLLL
FKNGEVAATKVGALSKGQLKEFLDANLAE
;
E,F
2 'polypeptide(L)'
;AAAKVMSLLMALVVLLIVAGNVLVIAAIGSTQRLQTLTNLFITSLACADLVVGLLVVPFGATLVVRGTWLWGSFLCELWT
SLDVLCVTASIETLCVIAIDRYLAITSPFRYQSLMTRARAKVIICTVWAISALVSFLPIMMHWWRDEDPQALKCYQDPGC
CDFVTNRAYAIASSIISFYIPLLIMIFVYLRVYREAKEQIRKIDRASKRKTSRVMAMKEHKALKTLGIIMGVFTLCWLPF
FLVNIVNVFNRDLVPDWLFVAFNWLGYANSAMNPIIYCRSPDFRKAFKRLLAFPRKADRRLHHHHHH
;
A,B
3 'polypeptide(L)'
;SQVQLQESGGGLVQAGGSLRLSCAASGSIFALNIMGWYRQAPGKQRELVAAIHSGGTTNYANSVKGRFTISRDNAANTVY
LQMNSLKPEDTAVYYCNVKDFGAIIYDYDYWGQGTQVTVSS
;
C,D
#
loop_
_chem_comp.id
_chem_comp.type
_chem_comp.name
_chem_comp.formula
2CV non-polymer HEGA-10 'C18 H37 N O7'
NA non-polymer 'SODIUM ION' 'Na 1'
Y00 non-polymer DOBUTAMINE 'C18 H23 N O3'
#
# COMPACT_ATOMS: atom_id res chain seq x y z
N LYS A 3 -26.87 -22.39 51.88
CA LYS A 3 -27.27 -22.71 50.47
C LYS A 3 -26.23 -23.51 49.68
N ILE A 4 -24.95 -23.44 50.08
CA ILE A 4 -23.83 -24.14 49.39
C ILE A 4 -23.77 -25.64 49.73
N ILE A 5 -23.67 -26.47 48.68
CA ILE A 5 -23.49 -27.93 48.82
C ILE A 5 -22.00 -28.20 49.02
N HIS A 6 -21.70 -29.05 50.01
CA HIS A 6 -20.33 -29.42 50.35
C HIS A 6 -20.03 -30.83 49.85
N LEU A 7 -19.25 -30.90 48.77
CA LEU A 7 -19.07 -32.12 47.99
C LEU A 7 -18.03 -33.07 48.59
N THR A 8 -18.17 -34.35 48.27
CA THR A 8 -17.16 -35.38 48.55
C THR A 8 -16.75 -36.01 47.21
N ASP A 9 -15.96 -37.09 47.27
CA ASP A 9 -15.61 -37.86 46.06
C ASP A 9 -16.83 -38.60 45.53
N ASP A 10 -17.46 -39.39 46.38
CA ASP A 10 -18.61 -40.25 46.00
C ASP A 10 -19.87 -39.46 45.64
N SER A 11 -20.13 -38.39 46.40
CA SER A 11 -21.30 -37.54 46.16
C SER A 11 -21.20 -36.71 44.86
N PHE A 12 -19.98 -36.53 44.32
CA PHE A 12 -19.77 -35.73 43.11
C PHE A 12 -20.63 -36.13 41.91
N ASP A 13 -20.84 -37.43 41.72
CA ASP A 13 -21.69 -37.93 40.61
C ASP A 13 -23.17 -37.51 40.77
N THR A 14 -23.69 -37.57 42.00
CA THR A 14 -25.09 -37.22 42.28
C THR A 14 -25.32 -35.71 42.44
N ASP A 15 -24.37 -35.04 43.10
CA ASP A 15 -24.51 -33.60 43.41
C ASP A 15 -24.25 -32.68 42.22
N VAL A 16 -23.42 -33.12 41.27
CA VAL A 16 -22.97 -32.27 40.15
C VAL A 16 -23.33 -32.84 38.77
N LEU A 17 -22.93 -34.09 38.50
CA LEU A 17 -23.13 -34.69 37.17
C LEU A 17 -24.59 -35.00 36.86
N LYS A 18 -25.29 -35.60 37.83
CA LYS A 18 -26.73 -35.90 37.70
C LYS A 18 -27.66 -34.78 38.21
N ALA A 19 -27.09 -33.68 38.74
CA ALA A 19 -27.90 -32.63 39.35
C ALA A 19 -28.56 -31.71 38.34
N ASP A 20 -29.75 -31.25 38.71
CA ASP A 20 -30.53 -30.36 37.86
C ASP A 20 -29.98 -28.94 37.93
N GLY A 21 -30.03 -28.23 36.81
CA GLY A 21 -29.64 -26.83 36.75
C GLY A 21 -28.15 -26.65 36.63
N ALA A 22 -27.73 -25.37 36.68
CA ALA A 22 -26.33 -24.99 36.57
C ALA A 22 -25.66 -25.03 37.95
N ILE A 23 -24.56 -25.80 38.05
CA ILE A 23 -23.81 -25.94 39.31
C ILE A 23 -22.44 -25.29 39.12
N LEU A 24 -22.11 -24.32 39.99
CA LEU A 24 -20.77 -23.72 40.02
C LEU A 24 -19.92 -24.43 41.08
N VAL A 25 -18.96 -25.22 40.62
CA VAL A 25 -18.09 -26.01 41.51
C VAL A 25 -16.85 -25.18 41.84
N ASP A 26 -16.42 -25.25 43.10
CA ASP A 26 -15.21 -24.58 43.58
C ASP A 26 -14.23 -25.61 44.14
N PHE A 27 -12.99 -25.58 43.65
CA PHE A 27 -11.90 -26.45 44.11
C PHE A 27 -10.98 -25.64 45.00
N TRP A 28 -11.18 -25.78 46.32
CA TRP A 28 -10.48 -24.99 47.32
C TRP A 28 -9.62 -25.90 48.19
N ALA A 29 -8.77 -25.29 49.00
CA ALA A 29 -7.90 -26.00 49.91
C ALA A 29 -7.59 -25.10 51.12
N GLU A 30 -7.41 -25.73 52.28
CA GLU A 30 -7.14 -24.97 53.51
C GLU A 30 -5.75 -24.31 53.50
N TRP A 31 -4.82 -24.83 52.68
CA TRP A 31 -3.46 -24.31 52.58
C TRP A 31 -3.26 -23.17 51.55
N SER A 32 -4.28 -22.90 50.73
CA SER A 32 -4.18 -21.89 49.66
C SER A 32 -4.88 -20.60 50.07
N GLY A 33 -4.10 -19.54 50.23
CA GLY A 33 -4.63 -18.20 50.50
C GLY A 33 -5.49 -17.64 49.38
N PRO A 34 -5.13 -17.94 48.11
CA PRO A 34 -6.04 -17.62 47.00
C PRO A 34 -7.40 -18.31 47.07
N SER A 35 -7.42 -19.56 47.53
CA SER A 35 -8.66 -20.34 47.66
C SER A 35 -9.58 -19.88 48.82
N LYS A 36 -9.02 -19.17 49.80
CA LYS A 36 -9.79 -18.56 50.89
C LYS A 36 -10.42 -17.21 50.49
N MET A 37 -9.74 -16.44 49.64
CA MET A 37 -10.24 -15.14 49.16
C MET A 37 -11.63 -15.22 48.48
N ILE A 38 -11.93 -16.33 47.83
CA ILE A 38 -13.24 -16.60 47.20
C ILE A 38 -14.36 -17.12 48.12
N ALA A 39 -14.00 -17.57 49.33
CA ALA A 39 -14.97 -18.19 50.25
C ALA A 39 -16.14 -17.26 50.66
N PRO A 40 -15.85 -16.03 51.16
CA PRO A 40 -16.95 -15.11 51.49
C PRO A 40 -17.71 -14.57 50.27
N ILE A 41 -17.02 -14.40 49.13
CA ILE A 41 -17.69 -13.93 47.90
C ILE A 41 -18.60 -14.99 47.28
N LEU A 42 -18.23 -16.27 47.39
CA LEU A 42 -19.13 -17.36 46.97
C LEU A 42 -20.36 -17.49 47.88
N ASP A 43 -20.17 -17.28 49.19
CA ASP A 43 -21.30 -17.22 50.14
C ASP A 43 -22.33 -16.14 49.78
N GLU A 44 -21.85 -14.98 49.32
CA GLU A 44 -22.73 -13.90 48.84
C GLU A 44 -23.38 -14.25 47.49
N ILE A 45 -22.64 -14.92 46.60
CA ILE A 45 -23.18 -15.38 45.30
C ILE A 45 -24.29 -16.43 45.45
N ALA A 46 -24.20 -17.31 46.45
CA ALA A 46 -25.24 -18.30 46.72
C ALA A 46 -26.61 -17.66 47.06
N ASP A 47 -26.59 -16.54 47.78
CA ASP A 47 -27.81 -15.79 48.14
C ASP A 47 -28.32 -14.96 46.95
N GLU A 48 -27.39 -14.20 46.34
CA GLU A 48 -27.72 -13.29 45.24
C GLU A 48 -28.12 -14.01 43.95
N TYR A 49 -27.47 -15.13 43.64
CA TYR A 49 -27.89 -16.00 42.53
C TYR A 49 -28.68 -17.23 43.03
N GLN A 50 -29.51 -17.05 44.06
CA GLN A 50 -30.43 -18.11 44.51
C GLN A 50 -31.46 -18.38 43.41
N GLY A 51 -31.73 -19.65 43.13
CA GLY A 51 -32.64 -20.02 42.04
C GLY A 51 -32.07 -20.04 40.62
N LYS A 52 -31.03 -19.23 40.37
CA LYS A 52 -30.37 -19.11 39.05
C LYS A 52 -29.20 -20.08 38.88
N LEU A 53 -28.49 -20.34 39.99
CA LEU A 53 -27.50 -21.44 40.03
C LEU A 53 -27.35 -22.01 41.44
N THR A 54 -26.54 -23.07 41.54
CA THR A 54 -26.19 -23.71 42.81
C THR A 54 -24.68 -23.66 42.97
N VAL A 55 -24.22 -23.09 44.08
CA VAL A 55 -22.78 -23.03 44.37
C VAL A 55 -22.43 -24.32 45.11
N ALA A 56 -21.45 -25.04 44.59
CA ALA A 56 -20.93 -26.25 45.23
C ALA A 56 -19.44 -26.09 45.49
N LYS A 57 -18.97 -26.64 46.61
CA LYS A 57 -17.56 -26.55 47.01
C LYS A 57 -17.02 -27.95 47.28
N LEU A 58 -15.74 -28.14 46.97
CA LEU A 58 -15.07 -29.42 47.17
C LEU A 58 -13.65 -29.19 47.69
N ASN A 59 -13.37 -29.71 48.88
CA ASN A 59 -12.03 -29.62 49.48
C ASN A 59 -11.09 -30.63 48.81
N ILE A 60 -10.15 -30.13 48.01
CA ILE A 60 -9.20 -30.97 47.23
C ILE A 60 -8.23 -31.80 48.10
N ASP A 61 -8.00 -31.36 49.35
CA ASP A 61 -7.21 -32.15 50.34
C ASP A 61 -7.97 -33.40 50.76
N GLN A 62 -9.19 -33.21 51.28
CA GLN A 62 -10.05 -34.32 51.73
C GLN A 62 -10.54 -35.25 50.60
N ASN A 63 -10.69 -34.71 49.39
CA ASN A 63 -11.12 -35.48 48.22
C ASN A 63 -10.10 -35.30 47.08
N PRO A 64 -8.96 -36.02 47.15
CA PRO A 64 -7.94 -35.87 46.08
C PRO A 64 -8.32 -36.53 44.75
N GLY A 65 -9.34 -37.40 44.75
CA GLY A 65 -9.74 -38.15 43.56
C GLY A 65 -10.42 -37.37 42.44
N THR A 66 -11.27 -36.41 42.79
CA THR A 66 -12.03 -35.63 41.80
C THR A 66 -11.18 -34.73 40.88
N ALA A 67 -10.19 -34.04 41.45
CA ALA A 67 -9.49 -32.95 40.75
C ALA A 67 -8.62 -33.37 39.53
N PRO A 68 -7.87 -34.49 39.66
CA PRO A 68 -7.14 -35.00 38.48
C PRO A 68 -8.01 -35.32 37.26
N LYS A 69 -9.25 -35.79 37.48
CA LYS A 69 -10.15 -36.19 36.39
C LYS A 69 -10.47 -35.07 35.38
N TYR A 70 -10.48 -33.82 35.82
CA TYR A 70 -10.73 -32.66 34.95
C TYR A 70 -9.50 -31.78 34.67
N GLY A 71 -8.35 -32.16 35.22
CA GLY A 71 -7.08 -31.49 34.92
C GLY A 71 -6.94 -30.14 35.58
N ILE A 72 -7.21 -30.10 36.88
CA ILE A 72 -7.12 -28.88 37.68
C ILE A 72 -5.63 -28.62 38.00
N ARG A 73 -5.05 -27.62 37.33
CA ARG A 73 -3.65 -27.26 37.58
C ARG A 73 -3.50 -26.44 38.87
N GLY A 74 -4.05 -25.23 38.88
CA GLY A 74 -3.99 -24.33 40.03
C GLY A 74 -5.27 -24.35 40.86
N ILE A 75 -5.29 -23.53 41.91
CA ILE A 75 -6.49 -23.29 42.71
C ILE A 75 -6.53 -21.82 43.17
N PRO A 76 -7.72 -21.21 43.32
CA PRO A 76 -9.03 -21.87 43.15
C PRO A 76 -9.50 -21.96 41.69
N THR A 77 -10.11 -23.09 41.33
CA THR A 77 -10.71 -23.28 40.00
C THR A 77 -12.24 -23.31 40.15
N LEU A 78 -12.90 -22.49 39.34
CA LEU A 78 -14.36 -22.43 39.29
C LEU A 78 -14.88 -23.01 37.96
N LEU A 79 -15.38 -24.25 38.00
CA LEU A 79 -15.99 -24.90 36.84
C LEU A 79 -17.51 -24.77 36.90
N LEU A 80 -18.10 -24.15 35.87
CA LEU A 80 -19.56 -24.01 35.77
C LEU A 80 -20.13 -25.18 34.97
N PHE A 81 -20.90 -26.04 35.63
CA PHE A 81 -21.47 -27.26 35.01
C PHE A 81 -22.91 -27.03 34.52
N LYS A 82 -23.26 -27.66 33.39
CA LYS A 82 -24.64 -27.67 32.86
C LYS A 82 -24.93 -29.04 32.21
N ASN A 83 -25.92 -29.75 32.75
CA ASN A 83 -26.32 -31.10 32.29
C ASN A 83 -25.19 -32.14 32.33
N GLY A 84 -24.32 -32.05 33.35
CA GLY A 84 -23.18 -32.94 33.48
C GLY A 84 -22.05 -32.73 32.48
N GLU A 85 -21.96 -31.52 31.91
CA GLU A 85 -20.86 -31.12 31.02
C GLU A 85 -20.28 -29.81 31.51
N VAL A 86 -19.01 -29.57 31.18
CA VAL A 86 -18.30 -28.37 31.65
C VAL A 86 -18.44 -27.26 30.60
N ALA A 87 -19.30 -26.27 30.88
CA ALA A 87 -19.58 -25.19 29.94
C ALA A 87 -18.48 -24.13 29.92
N ALA A 88 -18.01 -23.70 31.10
CA ALA A 88 -16.90 -22.74 31.22
C ALA A 88 -16.02 -22.96 32.47
N THR A 89 -14.84 -22.35 32.46
CA THR A 89 -13.81 -22.57 33.49
C THR A 89 -13.03 -21.28 33.80
N LYS A 90 -12.77 -21.03 35.09
CA LYS A 90 -12.00 -19.86 35.56
C LYS A 90 -11.08 -20.25 36.73
N VAL A 91 -9.78 -19.99 36.57
CA VAL A 91 -8.76 -20.36 37.57
C VAL A 91 -8.08 -19.09 38.10
N GLY A 92 -7.96 -19.00 39.43
CA GLY A 92 -7.41 -17.82 40.12
C GLY A 92 -8.47 -17.04 40.89
N ALA A 93 -8.02 -16.24 41.85
CA ALA A 93 -8.90 -15.43 42.69
C ALA A 93 -9.45 -14.21 41.93
N LEU A 94 -10.72 -13.90 42.18
CA LEU A 94 -11.44 -12.82 41.51
C LEU A 94 -12.09 -11.90 42.52
N SER A 95 -12.38 -10.67 42.08
CA SER A 95 -13.26 -9.76 42.83
C SER A 95 -14.72 -10.15 42.54
N LYS A 96 -15.65 -9.54 43.28
CA LYS A 96 -17.08 -9.82 43.11
C LYS A 96 -17.57 -9.36 41.73
N GLY A 97 -17.14 -8.17 41.30
CA GLY A 97 -17.49 -7.61 39.98
C GLY A 97 -17.01 -8.44 38.80
N GLN A 98 -15.82 -9.02 38.92
CA GLN A 98 -15.26 -9.93 37.91
C GLN A 98 -16.04 -11.26 37.86
N LEU A 99 -16.39 -11.79 39.03
CA LEU A 99 -17.14 -13.04 39.14
C LEU A 99 -18.58 -12.89 38.62
N LYS A 100 -19.24 -11.80 38.97
CA LYS A 100 -20.60 -11.52 38.49
C LYS A 100 -20.66 -11.41 36.96
N GLU A 101 -19.65 -10.78 36.35
CA GLU A 101 -19.57 -10.71 34.89
C GLU A 101 -19.43 -12.09 34.24
N PHE A 102 -18.68 -12.99 34.88
CA PHE A 102 -18.53 -14.38 34.40
C PHE A 102 -19.84 -15.18 34.53
N LEU A 103 -20.48 -15.08 35.68
CA LEU A 103 -21.75 -15.80 35.97
C LEU A 103 -22.93 -15.24 35.21
N ASP A 104 -23.05 -13.91 35.18
CA ASP A 104 -24.14 -13.22 34.48
C ASP A 104 -24.05 -13.38 32.96
N ALA A 105 -22.82 -13.43 32.42
CA ALA A 105 -22.61 -13.74 31.00
C ALA A 105 -22.94 -15.20 30.65
N ASN A 106 -22.46 -16.13 31.47
CA ASN A 106 -22.64 -17.57 31.19
C ASN A 106 -24.05 -18.14 31.46
N LEU A 107 -24.77 -17.57 32.43
CA LEU A 107 -26.15 -18.01 32.72
C LEU A 107 -27.22 -17.52 31.72
N ALA A 108 -27.03 -16.32 31.14
CA ALA A 108 -27.90 -15.85 30.06
C ALA A 108 -27.68 -16.59 28.69
N GLU A 109 -27.12 -17.81 28.76
CA GLU A 109 -26.86 -18.69 27.62
C GLU A 109 -25.91 -18.09 26.58
N ALA B 2 -26.11 -13.80 27.07
CA ALA B 2 -24.86 -13.16 26.56
C ALA B 2 -24.57 -13.55 25.11
N ALA B 3 -24.59 -14.85 24.81
CA ALA B 3 -24.56 -15.34 23.42
C ALA B 3 -25.92 -15.17 22.71
N LYS B 4 -26.99 -15.06 23.52
CA LYS B 4 -28.28 -14.53 23.07
C LYS B 4 -28.18 -13.06 22.66
N VAL B 5 -27.50 -12.26 23.49
CA VAL B 5 -27.24 -10.85 23.19
C VAL B 5 -26.30 -10.70 21.99
N MET B 6 -25.26 -11.53 21.92
CA MET B 6 -24.30 -11.54 20.80
C MET B 6 -24.96 -11.77 19.44
N SER B 7 -25.94 -12.66 19.36
CA SER B 7 -26.64 -12.95 18.10
C SER B 7 -27.57 -11.80 17.67
N LEU B 8 -28.26 -11.21 18.65
CA LEU B 8 -29.06 -9.99 18.44
C LEU B 8 -28.22 -8.82 17.92
N LEU B 9 -26.97 -8.75 18.40
CA LEU B 9 -26.03 -7.70 18.02
C LEU B 9 -25.51 -7.84 16.57
N MET B 10 -25.43 -9.07 16.07
CA MET B 10 -25.08 -9.31 14.66
C MET B 10 -26.23 -8.90 13.74
N ALA B 11 -27.45 -9.18 14.17
CA ALA B 11 -28.64 -8.87 13.39
C ALA B 11 -28.77 -7.37 13.11
N LEU B 12 -28.59 -6.53 14.16
CA LEU B 12 -28.70 -5.08 13.96
C LEU B 12 -27.54 -4.57 13.09
N VAL B 13 -26.34 -5.12 13.29
CA VAL B 13 -25.17 -4.73 12.48
C VAL B 13 -25.48 -4.89 11.01
N VAL B 14 -25.95 -6.06 10.60
CA VAL B 14 -26.33 -6.29 9.21
C VAL B 14 -27.44 -5.34 8.76
N LEU B 15 -28.44 -5.13 9.63
CA LEU B 15 -29.57 -4.26 9.31
C LEU B 15 -29.11 -2.83 9.03
N LEU B 16 -28.27 -2.31 9.91
CA LEU B 16 -27.74 -0.96 9.75
C LEU B 16 -26.90 -0.83 8.50
N ILE B 17 -26.02 -1.81 8.23
CA ILE B 17 -25.16 -1.74 7.06
C ILE B 17 -25.99 -1.72 5.79
N VAL B 18 -26.92 -2.66 5.64
CA VAL B 18 -27.66 -2.76 4.39
C VAL B 18 -28.58 -1.56 4.25
N ALA B 19 -29.33 -1.24 5.31
CA ALA B 19 -30.26 -0.10 5.27
C ALA B 19 -29.53 1.17 4.86
N GLY B 20 -28.55 1.57 5.67
CA GLY B 20 -27.78 2.78 5.43
C GLY B 20 -27.24 2.85 4.01
N ASN B 21 -26.44 1.87 3.62
CA ASN B 21 -25.74 1.92 2.34
C ASN B 21 -26.68 1.86 1.15
N VAL B 22 -27.78 1.10 1.25
CA VAL B 22 -28.83 1.11 0.21
C VAL B 22 -29.46 2.50 0.07
N LEU B 23 -29.65 3.17 1.20
CA LEU B 23 -30.25 4.49 1.25
C LEU B 23 -29.37 5.54 0.56
N VAL B 24 -28.05 5.42 0.76
CA VAL B 24 -27.06 6.31 0.15
C VAL B 24 -27.01 6.16 -1.36
N ILE B 25 -26.82 4.93 -1.81
CA ILE B 25 -26.74 4.67 -3.25
C ILE B 25 -28.04 5.11 -3.94
N ALA B 26 -29.17 4.85 -3.28
CA ALA B 26 -30.46 5.28 -3.79
C ALA B 26 -30.51 6.78 -3.94
N ALA B 27 -30.12 7.48 -2.88
CA ALA B 27 -30.14 8.95 -2.86
C ALA B 27 -29.32 9.51 -4.01
N ILE B 28 -28.11 9.00 -4.16
CA ILE B 28 -27.19 9.51 -5.17
C ILE B 28 -27.70 9.21 -6.56
N GLY B 29 -28.11 7.97 -6.78
CA GLY B 29 -28.60 7.57 -8.11
C GLY B 29 -29.86 8.26 -8.57
N SER B 30 -30.71 8.64 -7.62
CA SER B 30 -32.02 9.21 -7.91
C SER B 30 -32.02 10.73 -8.00
N THR B 31 -31.06 11.38 -7.35
CA THR B 31 -31.02 12.84 -7.25
C THR B 31 -29.90 13.44 -8.11
N GLN B 32 -30.27 14.27 -9.08
CA GLN B 32 -29.29 14.91 -9.98
C GLN B 32 -28.33 15.79 -9.18
N ARG B 33 -28.87 16.45 -8.15
CA ARG B 33 -28.09 17.33 -7.30
C ARG B 33 -26.96 16.61 -6.54
N LEU B 34 -27.16 15.32 -6.23
CA LEU B 34 -26.19 14.54 -5.45
C LEU B 34 -25.07 13.96 -6.31
N GLN B 35 -25.23 13.95 -7.63
CA GLN B 35 -24.27 13.32 -8.52
C GLN B 35 -23.06 14.21 -8.75
N THR B 36 -22.30 14.45 -7.68
CA THR B 36 -21.08 15.24 -7.73
C THR B 36 -19.87 14.31 -7.83
N LEU B 37 -18.69 14.91 -7.83
CA LEU B 37 -17.43 14.19 -7.98
C LEU B 37 -17.08 13.45 -6.70
N THR B 38 -17.18 14.14 -5.56
CA THR B 38 -16.97 13.54 -4.25
C THR B 38 -17.91 12.37 -4.03
N ASN B 39 -19.19 12.58 -4.28
CA ASN B 39 -20.19 11.52 -4.13
C ASN B 39 -20.01 10.31 -5.06
N LEU B 40 -19.22 10.48 -6.12
CA LEU B 40 -18.74 9.35 -6.92
C LEU B 40 -17.89 8.41 -6.08
N PHE B 41 -16.91 8.98 -5.37
CA PHE B 41 -16.10 8.22 -4.42
C PHE B 41 -16.98 7.67 -3.30
N ILE B 42 -17.92 8.46 -2.77
CA ILE B 42 -18.85 7.97 -1.74
C ILE B 42 -19.65 6.78 -2.27
N THR B 43 -20.01 6.80 -3.55
CA THR B 43 -20.73 5.70 -4.16
C THR B 43 -19.89 4.43 -4.15
N SER B 44 -18.59 4.55 -4.44
CA SER B 44 -17.68 3.40 -4.37
C SER B 44 -17.64 2.82 -2.96
N LEU B 45 -17.50 3.70 -1.97
CA LEU B 45 -17.50 3.33 -0.57
C LEU B 45 -18.78 2.57 -0.21
N ALA B 46 -19.93 3.09 -0.62
CA ALA B 46 -21.21 2.49 -0.26
C ALA B 46 -21.42 1.14 -0.91
N CYS B 47 -20.93 0.97 -2.15
CA CYS B 47 -20.96 -0.33 -2.80
C CYS B 47 -20.18 -1.35 -1.96
N ALA B 48 -18.98 -0.97 -1.53
CA ALA B 48 -18.11 -1.86 -0.79
C ALA B 48 -18.74 -2.29 0.51
N ASP B 49 -19.26 -1.33 1.26
CA ASP B 49 -19.87 -1.60 2.56
C ASP B 49 -21.17 -2.40 2.41
N LEU B 50 -21.91 -2.15 1.34
CA LEU B 50 -23.14 -2.89 1.04
C LEU B 50 -22.86 -4.37 0.82
N VAL B 51 -21.82 -4.68 0.06
CA VAL B 51 -21.45 -6.09 -0.19
C VAL B 51 -20.93 -6.73 1.10
N VAL B 52 -20.38 -5.95 2.02
CA VAL B 52 -20.01 -6.43 3.35
C VAL B 52 -21.26 -6.90 4.09
N GLY B 53 -22.29 -6.07 4.10
CA GLY B 53 -23.56 -6.41 4.79
C GLY B 53 -24.38 -7.53 4.17
N LEU B 54 -24.44 -7.60 2.84
CA LEU B 54 -25.23 -8.64 2.15
C LEU B 54 -24.59 -10.01 2.19
N LEU B 55 -23.27 -10.10 2.04
CA LEU B 55 -22.59 -11.38 1.88
C LEU B 55 -21.56 -11.67 2.95
N VAL B 56 -20.64 -10.75 3.21
CA VAL B 56 -19.51 -11.03 4.09
C VAL B 56 -19.94 -11.26 5.54
N VAL B 57 -20.74 -10.35 6.07
CA VAL B 57 -21.13 -10.43 7.47
C VAL B 57 -22.11 -11.59 7.78
N PRO B 58 -23.11 -11.86 6.91
CA PRO B 58 -24.04 -12.98 7.11
C PRO B 58 -23.38 -14.36 7.20
N PHE B 59 -22.54 -14.68 6.22
CA PHE B 59 -21.71 -15.91 6.23
C PHE B 59 -20.81 -15.91 7.46
N GLY B 60 -20.30 -14.75 7.84
CA GLY B 60 -19.58 -14.60 9.09
C GLY B 60 -20.41 -14.93 10.31
N ALA B 61 -21.62 -14.38 10.38
CA ALA B 61 -22.51 -14.55 11.54
C ALA B 61 -22.81 -16.02 11.85
N THR B 62 -22.90 -16.83 10.80
CA THR B 62 -23.20 -18.25 10.93
C THR B 62 -22.02 -19.00 11.56
N LEU B 63 -20.83 -18.70 11.10
CA LEU B 63 -19.61 -19.33 11.63
C LEU B 63 -19.44 -19.12 13.15
N VAL B 64 -20.01 -18.04 13.69
CA VAL B 64 -20.02 -17.81 15.15
C VAL B 64 -21.10 -18.67 15.81
N VAL B 65 -22.29 -18.69 15.22
CA VAL B 65 -23.46 -19.41 15.77
C VAL B 65 -23.24 -20.93 15.75
N ARG B 66 -22.90 -21.47 14.58
CA ARG B 66 -22.67 -22.92 14.41
C ARG B 66 -21.32 -23.39 14.93
N GLY B 67 -20.33 -22.50 14.94
CA GLY B 67 -18.96 -22.89 15.27
C GLY B 67 -18.30 -23.78 14.22
N THR B 68 -18.79 -23.74 12.97
CA THR B 68 -18.18 -24.47 11.86
C THR B 68 -18.69 -23.99 10.49
N TRP B 69 -17.88 -24.21 9.46
CA TRP B 69 -18.19 -23.77 8.11
C TRP B 69 -19.09 -24.78 7.41
N LEU B 70 -20.32 -24.38 7.11
CA LEU B 70 -21.32 -25.27 6.55
C LEU B 70 -21.37 -25.33 5.02
N TRP B 71 -20.55 -24.53 4.32
CA TRP B 71 -20.66 -24.41 2.84
C TRP B 71 -19.45 -24.86 2.01
N GLY B 72 -18.60 -25.69 2.60
CA GLY B 72 -17.51 -26.34 1.85
C GLY B 72 -16.33 -25.45 1.49
N SER B 73 -15.19 -26.07 1.23
CA SER B 73 -13.90 -25.38 1.09
C SER B 73 -13.86 -24.28 0.03
N PHE B 74 -14.61 -24.44 -1.06
CA PHE B 74 -14.58 -23.46 -2.13
C PHE B 74 -15.22 -22.15 -1.68
N LEU B 75 -16.45 -22.24 -1.18
CA LEU B 75 -17.13 -21.04 -0.68
C LEU B 75 -16.45 -20.42 0.53
N CYS B 76 -15.65 -21.19 1.28
CA CYS B 76 -14.79 -20.59 2.29
C CYS B 76 -13.78 -19.70 1.60
N GLU B 77 -13.03 -20.29 0.66
CA GLU B 77 -12.00 -19.53 -0.09
C GLU B 77 -12.57 -18.24 -0.72
N LEU B 78 -13.76 -18.36 -1.30
CA LEU B 78 -14.37 -17.23 -2.00
C LEU B 78 -14.82 -16.16 -1.01
N TRP B 79 -15.54 -16.58 0.03
CA TRP B 79 -15.96 -15.68 1.10
C TRP B 79 -14.78 -14.93 1.71
N THR B 80 -13.66 -15.62 1.91
CA THR B 80 -12.43 -14.99 2.42
C THR B 80 -11.93 -13.93 1.43
N SER B 81 -11.87 -14.29 0.16
CA SER B 81 -11.49 -13.32 -0.88
C SER B 81 -12.44 -12.13 -0.98
N LEU B 82 -13.73 -12.39 -0.87
CA LEU B 82 -14.74 -11.34 -0.93
C LEU B 82 -14.63 -10.40 0.26
N ASP B 83 -14.29 -10.95 1.43
CA ASP B 83 -14.10 -10.14 2.63
C ASP B 83 -12.91 -9.22 2.43
N VAL B 84 -11.77 -9.81 2.09
CA VAL B 84 -10.55 -9.02 1.97
C VAL B 84 -10.76 -7.90 0.93
N LEU B 85 -11.31 -8.26 -0.23
CA LEU B 85 -11.63 -7.29 -1.30
C LEU B 85 -12.45 -6.11 -0.79
N CYS B 86 -13.59 -6.41 -0.17
CA CYS B 86 -14.52 -5.34 0.25
C CYS B 86 -13.96 -4.43 1.34
N VAL B 87 -13.19 -5.00 2.26
CA VAL B 87 -12.56 -4.23 3.33
C VAL B 87 -11.48 -3.35 2.73
N THR B 88 -10.64 -3.92 1.87
CA THR B 88 -9.60 -3.14 1.20
C THR B 88 -10.17 -2.00 0.36
N ALA B 89 -11.22 -2.27 -0.40
CA ALA B 89 -11.89 -1.25 -1.20
C ALA B 89 -12.53 -0.17 -0.34
N SER B 90 -13.15 -0.58 0.76
CA SER B 90 -13.77 0.37 1.66
C SER B 90 -12.74 1.34 2.24
N ILE B 91 -11.68 0.81 2.84
CA ILE B 91 -10.68 1.63 3.52
C ILE B 91 -9.87 2.45 2.52
N GLU B 92 -9.39 1.84 1.44
CA GLU B 92 -8.67 2.61 0.42
C GLU B 92 -9.53 3.72 -0.16
N THR B 93 -10.84 3.49 -0.31
CA THR B 93 -11.76 4.55 -0.77
C THR B 93 -11.93 5.66 0.28
N LEU B 94 -11.88 5.34 1.57
CA LEU B 94 -11.86 6.38 2.61
C LEU B 94 -10.65 7.28 2.46
N CYS B 95 -9.54 6.67 2.13
CA CYS B 95 -8.29 7.37 1.85
C CYS B 95 -8.37 8.31 0.64
N VAL B 96 -9.08 7.90 -0.41
CA VAL B 96 -9.24 8.73 -1.60
C VAL B 96 -10.17 9.92 -1.31
N ILE B 97 -11.24 9.67 -0.55
CA ILE B 97 -12.16 10.73 -0.11
C ILE B 97 -11.44 11.80 0.70
N ALA B 98 -10.53 11.39 1.59
CA ALA B 98 -9.70 12.36 2.32
C ALA B 98 -8.89 13.25 1.36
N ILE B 99 -8.23 12.62 0.40
CA ILE B 99 -7.46 13.37 -0.60
C ILE B 99 -8.38 14.30 -1.38
N ASP B 100 -9.51 13.77 -1.84
CA ASP B 100 -10.48 14.54 -2.62
C ASP B 100 -10.89 15.83 -1.89
N ARG B 101 -11.40 15.68 -0.68
CA ARG B 101 -11.83 16.83 0.14
C ARG B 101 -10.68 17.76 0.52
N TYR B 102 -9.49 17.21 0.68
CA TYR B 102 -8.33 18.05 0.92
C TYR B 102 -8.05 19.02 -0.22
N LEU B 103 -8.05 18.53 -1.47
CA LEU B 103 -7.83 19.38 -2.63
C LEU B 103 -8.98 20.37 -2.84
N ALA B 104 -10.21 19.90 -2.70
CA ALA B 104 -11.38 20.74 -2.88
C ALA B 104 -11.50 21.89 -1.85
N ILE B 105 -10.95 21.69 -0.66
CA ILE B 105 -10.96 22.68 0.42
C ILE B 105 -9.76 23.62 0.37
N THR B 106 -8.58 23.11 0.03
CA THR B 106 -7.36 23.91 0.08
C THR B 106 -6.96 24.49 -1.27
N SER B 107 -7.25 23.80 -2.38
CA SER B 107 -6.87 24.26 -3.73
C SER B 107 -8.01 24.06 -4.71
N PRO B 108 -9.18 24.65 -4.42
CA PRO B 108 -10.41 24.33 -5.13
C PRO B 108 -10.37 24.59 -6.63
N PHE B 109 -9.63 25.60 -7.08
CA PHE B 109 -9.65 25.96 -8.50
C PHE B 109 -8.73 25.03 -9.28
N ARG B 110 -7.57 24.73 -8.70
CA ARG B 110 -6.66 23.73 -9.27
C ARG B 110 -7.39 22.37 -9.34
N TYR B 111 -8.05 21.99 -8.25
CA TYR B 111 -8.83 20.74 -8.18
C TYR B 111 -9.84 20.56 -9.31
N GLN B 112 -10.60 21.59 -9.67
CA GLN B 112 -11.68 21.45 -10.67
C GLN B 112 -11.16 21.04 -12.04
N SER B 113 -10.08 21.69 -12.49
CA SER B 113 -9.43 21.34 -13.74
C SER B 113 -8.64 20.03 -13.62
N LEU B 114 -8.01 19.81 -12.46
CA LEU B 114 -7.18 18.61 -12.22
C LEU B 114 -7.99 17.32 -12.09
N MET B 115 -9.05 17.32 -11.31
CA MET B 115 -9.88 16.13 -11.08
C MET B 115 -11.11 16.18 -11.96
N THR B 116 -11.17 15.34 -12.97
CA THR B 116 -12.37 15.21 -13.80
C THR B 116 -13.14 13.96 -13.38
N ARG B 117 -14.34 13.81 -13.92
CA ARG B 117 -15.13 12.58 -13.70
C ARG B 117 -14.42 11.36 -14.31
N ALA B 118 -13.81 11.53 -15.48
CA ALA B 118 -13.03 10.46 -16.10
C ALA B 118 -11.81 10.08 -15.26
N ARG B 119 -11.18 11.06 -14.62
CA ARG B 119 -10.04 10.77 -13.77
C ARG B 119 -10.45 10.05 -12.49
N ALA B 120 -11.58 10.47 -11.91
CA ALA B 120 -12.11 9.83 -10.71
C ALA B 120 -12.49 8.37 -10.94
N LYS B 121 -13.05 8.06 -12.12
CA LYS B 121 -13.36 6.67 -12.50
C LYS B 121 -12.10 5.81 -12.52
N VAL B 122 -11.02 6.35 -13.08
CA VAL B 122 -9.75 5.63 -13.09
C VAL B 122 -9.26 5.39 -11.67
N ILE B 123 -9.35 6.41 -10.82
CA ILE B 123 -8.94 6.26 -9.41
C ILE B 123 -9.79 5.15 -8.76
N ILE B 124 -11.09 5.18 -8.99
CA ILE B 124 -11.99 4.20 -8.40
C ILE B 124 -11.67 2.80 -8.93
N CYS B 125 -11.55 2.67 -10.24
CA CYS B 125 -11.23 1.37 -10.88
C CYS B 125 -9.92 0.81 -10.36
N THR B 126 -8.92 1.68 -10.20
CA THR B 126 -7.64 1.31 -9.61
C THR B 126 -7.82 0.73 -8.21
N VAL B 127 -8.59 1.43 -7.37
CA VAL B 127 -8.78 0.99 -5.98
C VAL B 127 -9.35 -0.43 -5.96
N TRP B 128 -10.36 -0.69 -6.77
CA TRP B 128 -10.97 -2.04 -6.81
C TRP B 128 -10.06 -3.07 -7.43
N ALA B 129 -9.27 -2.68 -8.44
CA ALA B 129 -8.30 -3.61 -9.04
C ALA B 129 -7.24 -4.02 -8.04
N ILE B 130 -6.80 -3.08 -7.19
CA ILE B 130 -5.84 -3.38 -6.11
C ILE B 130 -6.48 -4.28 -5.04
N SER B 131 -7.72 -3.99 -4.66
CA SER B 131 -8.46 -4.84 -3.73
C SER B 131 -8.55 -6.28 -4.23
N ALA B 132 -8.94 -6.44 -5.51
CA ALA B 132 -9.03 -7.74 -6.15
C ALA B 132 -7.70 -8.51 -6.15
N LEU B 133 -6.63 -7.82 -6.55
CA LEU B 133 -5.31 -8.44 -6.66
C LEU B 133 -4.68 -8.79 -5.32
N VAL B 134 -5.12 -8.17 -4.22
CA VAL B 134 -4.62 -8.51 -2.89
C VAL B 134 -5.48 -9.60 -2.25
N SER B 135 -6.73 -9.72 -2.69
CA SER B 135 -7.67 -10.70 -2.11
C SER B 135 -7.81 -11.96 -2.96
N PHE B 136 -8.46 -11.83 -4.13
CA PHE B 136 -8.83 -13.01 -4.91
C PHE B 136 -7.61 -13.71 -5.45
N LEU B 137 -6.71 -12.96 -6.08
CA LEU B 137 -5.54 -13.56 -6.70
C LEU B 137 -4.72 -14.42 -5.71
N PRO B 138 -4.33 -13.87 -4.55
CA PRO B 138 -3.51 -14.69 -3.66
C PRO B 138 -4.29 -15.80 -2.92
N ILE B 139 -5.56 -15.57 -2.63
CA ILE B 139 -6.31 -16.53 -1.82
C ILE B 139 -6.80 -17.72 -2.66
N MET B 140 -7.31 -17.45 -3.85
CA MET B 140 -7.72 -18.53 -4.77
C MET B 140 -6.49 -19.32 -5.22
N MET B 141 -5.42 -18.64 -5.63
CA MET B 141 -4.20 -19.34 -6.08
C MET B 141 -3.37 -19.96 -4.93
N HIS B 142 -3.88 -19.91 -3.69
CA HIS B 142 -3.24 -20.52 -2.51
C HIS B 142 -1.92 -19.84 -2.09
N TRP B 143 -1.67 -18.62 -2.54
CA TRP B 143 -0.45 -17.89 -2.16
C TRP B 143 -0.50 -17.48 -0.69
N TRP B 144 -1.71 -17.21 -0.19
CA TRP B 144 -1.92 -16.87 1.21
C TRP B 144 -1.61 -17.99 2.22
N ARG B 145 -1.52 -19.24 1.72
CA ARG B 145 -1.33 -20.46 2.55
C ARG B 145 -0.04 -20.48 3.37
N ASP B 146 -0.16 -20.86 4.65
CA ASP B 146 0.99 -21.15 5.52
C ASP B 146 1.42 -22.62 5.38
N GLU B 147 2.72 -22.88 5.48
CA GLU B 147 3.26 -24.25 5.40
C GLU B 147 2.98 -25.09 6.64
N ASP B 148 2.97 -24.44 7.81
CA ASP B 148 2.68 -25.05 9.12
C ASP B 148 1.66 -26.21 9.05
N PRO B 149 1.95 -27.34 9.73
CA PRO B 149 1.02 -28.48 9.64
C PRO B 149 -0.36 -28.24 10.27
N GLN B 150 -0.44 -27.57 11.41
CA GLN B 150 -1.74 -27.25 12.05
C GLN B 150 -2.61 -26.31 11.21
N ALA B 151 -1.96 -25.35 10.55
CA ALA B 151 -2.62 -24.50 9.55
C ALA B 151 -3.12 -25.34 8.38
N LEU B 152 -2.23 -26.23 7.90
CA LEU B 152 -2.53 -27.15 6.80
C LEU B 152 -3.65 -28.16 7.13
N LYS B 153 -3.90 -28.40 8.42
CA LYS B 153 -5.09 -29.15 8.87
C LYS B 153 -6.40 -28.41 8.66
N CYS B 154 -6.39 -27.08 8.85
CA CYS B 154 -7.58 -26.24 8.59
C CYS B 154 -7.89 -26.07 7.09
N TYR B 155 -6.85 -26.08 6.27
CA TYR B 155 -7.03 -26.03 4.81
C TYR B 155 -7.65 -27.31 4.27
N GLN B 156 -7.33 -28.45 4.89
CA GLN B 156 -7.88 -29.76 4.49
C GLN B 156 -9.27 -30.03 5.04
N ASP B 157 -9.56 -29.59 6.27
CA ASP B 157 -10.92 -29.66 6.86
C ASP B 157 -11.86 -28.65 6.16
N PRO B 158 -12.94 -29.14 5.50
CA PRO B 158 -13.93 -28.20 4.92
C PRO B 158 -14.82 -27.48 5.93
N GLY B 159 -14.91 -28.03 7.15
CA GLY B 159 -15.59 -27.38 8.26
C GLY B 159 -14.77 -26.28 8.91
N CYS B 160 -13.46 -26.25 8.65
CA CYS B 160 -12.58 -25.17 9.12
C CYS B 160 -12.40 -24.08 8.05
N CYS B 161 -12.65 -22.83 8.47
CA CYS B 161 -12.50 -21.63 7.63
C CYS B 161 -11.89 -20.53 8.47
N ASP B 162 -10.87 -20.89 9.25
CA ASP B 162 -10.07 -19.90 10.00
C ASP B 162 -9.20 -19.14 9.03
N PHE B 163 -8.84 -17.93 9.45
CA PHE B 163 -8.00 -17.05 8.66
C PHE B 163 -6.57 -17.25 9.13
N VAL B 164 -5.84 -18.09 8.40
CA VAL B 164 -4.47 -18.42 8.72
C VAL B 164 -3.64 -18.18 7.47
N THR B 165 -2.63 -17.33 7.61
CA THR B 165 -1.82 -16.89 6.48
C THR B 165 -0.35 -17.09 6.76
N ASN B 166 0.45 -17.10 5.69
CA ASN B 166 1.90 -16.94 5.84
C ASN B 166 2.24 -15.54 6.37
N ARG B 167 3.52 -15.33 6.67
CA ARG B 167 3.99 -14.02 7.15
C ARG B 167 3.74 -12.92 6.09
N ALA B 168 4.30 -13.14 4.89
CA ALA B 168 4.28 -12.18 3.79
C ALA B 168 2.92 -11.64 3.47
N TYR B 169 1.94 -12.53 3.34
CA TYR B 169 0.59 -12.14 2.97
C TYR B 169 -0.04 -11.28 4.06
N ALA B 170 0.08 -11.67 5.33
CA ALA B 170 -0.60 -10.91 6.38
C ALA B 170 0.00 -9.53 6.56
N ILE B 171 1.32 -9.44 6.39
CA ILE B 171 2.01 -8.14 6.39
C ILE B 171 1.54 -7.29 5.19
N ALA B 172 1.76 -7.81 3.99
CA ALA B 172 1.43 -7.12 2.73
C ALA B 172 -0.06 -6.69 2.64
N SER B 173 -0.96 -7.62 2.93
CA SER B 173 -2.40 -7.33 2.89
C SER B 173 -2.80 -6.29 3.92
N SER B 174 -2.19 -6.32 5.09
CA SER B 174 -2.49 -5.33 6.15
C SER B 174 -1.96 -3.93 5.80
N ILE B 175 -0.77 -3.89 5.21
CA ILE B 175 -0.19 -2.63 4.74
C ILE B 175 -1.05 -2.02 3.62
N ILE B 176 -1.42 -2.85 2.64
CA ILE B 176 -2.16 -2.38 1.49
C ILE B 176 -3.61 -2.04 1.86
N SER B 177 -4.24 -2.84 2.70
CA SER B 177 -5.62 -2.58 3.05
C SER B 177 -5.79 -1.48 4.10
N PHE B 178 -4.82 -1.34 5.01
CA PHE B 178 -5.03 -0.48 6.18
C PHE B 178 -3.95 0.56 6.46
N TYR B 179 -2.68 0.14 6.52
CA TYR B 179 -1.63 1.03 7.02
C TYR B 179 -1.27 2.18 6.07
N ILE B 180 -1.06 1.88 4.78
CA ILE B 180 -0.84 2.96 3.80
C ILE B 180 -2.04 3.93 3.76
N PRO B 181 -3.28 3.41 3.62
CA PRO B 181 -4.47 4.29 3.73
C PRO B 181 -4.49 5.15 4.99
N LEU B 182 -4.20 4.53 6.14
CA LEU B 182 -4.17 5.27 7.39
C LEU B 182 -3.13 6.39 7.35
N LEU B 183 -1.92 6.07 6.92
CA LEU B 183 -0.88 7.09 6.85
C LEU B 183 -1.26 8.26 5.95
N ILE B 184 -1.82 7.94 4.78
CA ILE B 184 -2.25 8.97 3.87
C ILE B 184 -3.38 9.81 4.51
N MET B 185 -4.35 9.15 5.14
CA MET B 185 -5.41 9.88 5.85
C MET B 185 -4.91 10.81 6.96
N ILE B 186 -3.88 10.39 7.69
CA ILE B 186 -3.31 11.22 8.76
C ILE B 186 -2.60 12.43 8.16
N PHE B 187 -1.70 12.16 7.22
CA PHE B 187 -0.94 13.21 6.54
C PHE B 187 -1.85 14.26 5.88
N VAL B 188 -2.85 13.81 5.14
CA VAL B 188 -3.77 14.66 4.39
C VAL B 188 -4.59 15.54 5.34
N TYR B 189 -5.34 14.91 6.24
CA TYR B 189 -6.19 15.66 7.18
C TYR B 189 -5.38 16.52 8.15
N LEU B 190 -4.09 16.21 8.32
CA LEU B 190 -3.21 17.08 9.08
C LEU B 190 -2.92 18.38 8.33
N ARG B 191 -2.64 18.27 7.03
CA ARG B 191 -2.48 19.46 6.18
C ARG B 191 -3.74 20.33 6.14
N VAL B 192 -4.94 19.77 6.23
CA VAL B 192 -6.18 20.59 6.38
C VAL B 192 -6.15 21.36 7.68
N TYR B 193 -5.80 20.70 8.78
CA TYR B 193 -5.71 21.37 10.06
C TYR B 193 -4.65 22.45 10.03
N ARG B 194 -3.47 22.11 9.51
CA ARG B 194 -2.38 23.08 9.36
C ARG B 194 -2.78 24.27 8.47
N GLU B 195 -3.41 23.99 7.34
CA GLU B 195 -3.86 25.03 6.41
C GLU B 195 -4.84 25.99 7.06
N ALA B 196 -5.79 25.43 7.82
CA ALA B 196 -6.78 26.23 8.54
C ALA B 196 -6.15 27.07 9.67
N LYS B 197 -5.25 26.44 10.44
CA LYS B 197 -4.53 27.17 11.47
C LYS B 197 -3.60 28.24 10.90
N GLU B 198 -2.94 27.92 9.78
CA GLU B 198 -2.03 28.85 9.11
C GLU B 198 -2.76 30.02 8.48
N GLN B 199 -4.00 29.80 8.05
CA GLN B 199 -4.83 30.88 7.51
C GLN B 199 -5.32 31.82 8.61
N ILE B 200 -5.69 31.27 9.76
CA ILE B 200 -6.07 32.09 10.93
C ILE B 200 -4.90 32.94 11.40
N ARG B 201 -3.70 32.40 11.29
CA ARG B 201 -2.46 33.13 11.59
C ARG B 201 -2.28 34.35 10.66
N LYS B 202 -2.53 34.17 9.36
CA LYS B 202 -2.43 35.29 8.40
C LYS B 202 -3.48 36.37 8.61
N ILE B 203 -4.66 36.00 9.08
CA ILE B 203 -5.73 36.96 9.44
C ILE B 203 -5.33 37.84 10.63
N ASP B 204 -4.60 37.29 11.58
CA ASP B 204 -4.15 38.04 12.77
C ASP B 204 -3.00 39.00 12.43
N ARG B 205 -2.13 38.58 11.51
CA ARG B 205 -1.10 39.46 10.94
C ARG B 205 -1.70 40.66 10.17
N ALA B 206 -2.84 40.43 9.53
CA ALA B 206 -3.55 41.47 8.79
C ALA B 206 -4.10 42.58 9.66
N SER B 207 -4.67 42.22 10.81
CA SER B 207 -5.44 43.19 11.61
C SER B 207 -4.63 44.32 12.27
N LYS B 208 -3.30 44.38 12.07
CA LYS B 208 -2.43 45.41 12.64
C LYS B 208 -2.60 45.47 14.16
N ARG B 209 -2.49 44.30 14.81
CA ARG B 209 -2.56 44.17 16.25
C ARG B 209 -3.87 44.66 16.87
N LYS B 210 -4.95 44.71 16.07
CA LYS B 210 -6.24 45.20 16.53
C LYS B 210 -7.12 44.07 17.03
N THR B 211 -7.08 42.92 16.35
CA THR B 211 -7.81 41.72 16.80
C THR B 211 -6.94 40.45 16.74
N SER B 212 -7.25 39.52 17.65
CA SER B 212 -6.74 38.15 17.63
C SER B 212 -7.93 37.22 17.46
N ARG B 213 -7.85 36.35 16.45
CA ARG B 213 -8.91 35.37 16.17
C ARG B 213 -8.98 34.28 17.24
N VAL B 214 -10.20 33.83 17.53
CA VAL B 214 -10.43 32.65 18.40
C VAL B 214 -11.17 31.60 17.56
N MET B 215 -11.24 30.36 18.05
CA MET B 215 -12.10 29.34 17.42
C MET B 215 -13.62 29.63 17.51
N ALA B 216 -14.21 29.82 16.33
CA ALA B 216 -15.63 30.10 16.19
C ALA B 216 -16.40 28.80 16.12
N MET B 217 -17.72 28.90 15.97
CA MET B 217 -18.62 27.75 15.76
C MET B 217 -18.12 26.83 14.65
N LYS B 218 -17.78 27.40 13.50
CA LYS B 218 -17.36 26.62 12.34
C LYS B 218 -16.05 25.87 12.57
N GLU B 219 -15.13 26.46 13.33
CA GLU B 219 -13.82 25.82 13.59
C GLU B 219 -13.92 24.68 14.59
N HIS B 220 -14.79 24.81 15.59
CA HIS B 220 -15.04 23.70 16.53
C HIS B 220 -15.70 22.54 15.80
N LYS B 221 -16.72 22.82 15.00
CA LYS B 221 -17.43 21.79 14.22
C LYS B 221 -16.53 21.03 13.23
N ALA B 222 -15.63 21.74 12.57
CA ALA B 222 -14.70 21.13 11.59
C ALA B 222 -13.71 20.21 12.27
N LEU B 223 -13.34 20.58 13.48
CA LEU B 223 -12.38 19.82 14.27
C LEU B 223 -13.05 18.58 14.88
N LYS B 224 -14.32 18.68 15.27
CA LYS B 224 -15.14 17.53 15.69
C LYS B 224 -15.29 16.53 14.53
N THR B 225 -15.64 17.05 13.36
CA THR B 225 -15.75 16.24 12.14
C THR B 225 -14.46 15.48 11.85
N LEU B 226 -13.33 16.17 11.89
CA LEU B 226 -12.01 15.55 11.74
C LEU B 226 -11.74 14.47 12.79
N GLY B 227 -12.26 14.70 13.99
CA GLY B 227 -12.19 13.75 15.07
C GLY B 227 -12.98 12.50 14.80
N ILE B 228 -14.23 12.67 14.38
CA ILE B 228 -15.09 11.53 14.10
C ILE B 228 -14.54 10.71 12.92
N ILE B 229 -14.05 11.41 11.88
CA ILE B 229 -13.50 10.75 10.69
C ILE B 229 -12.35 9.83 11.08
N MET B 230 -11.32 10.39 11.71
CA MET B 230 -10.14 9.63 12.12
C MET B 230 -10.38 8.73 13.33
N GLY B 231 -11.27 9.15 14.23
CA GLY B 231 -11.57 8.39 15.43
C GLY B 231 -12.26 7.05 15.18
N VAL B 232 -13.39 7.12 14.47
CA VAL B 232 -14.22 5.95 14.21
C VAL B 232 -13.52 4.98 13.26
N PHE B 233 -12.90 5.50 12.21
CA PHE B 233 -12.07 4.66 11.32
C PHE B 233 -10.98 3.92 12.08
N THR B 234 -10.27 4.62 12.96
CA THR B 234 -9.14 4.01 13.67
C THR B 234 -9.61 3.08 14.79
N LEU B 235 -10.54 3.56 15.63
CA LEU B 235 -11.16 2.69 16.64
C LEU B 235 -11.61 1.36 16.03
N CYS B 236 -12.31 1.42 14.89
CA CYS B 236 -12.88 0.22 14.27
C CYS B 236 -11.86 -0.76 13.65
N TRP B 237 -10.89 -0.25 12.91
CA TRP B 237 -9.97 -1.09 12.14
C TRP B 237 -8.56 -1.22 12.71
N LEU B 238 -8.11 -0.32 13.59
CA LEU B 238 -6.75 -0.43 14.15
C LEU B 238 -6.53 -1.67 15.03
N PRO B 239 -7.49 -1.98 15.94
CA PRO B 239 -7.30 -3.17 16.77
C PRO B 239 -7.08 -4.44 15.96
N PHE B 240 -8.01 -4.74 15.05
CA PHE B 240 -7.92 -5.94 14.22
C PHE B 240 -6.62 -6.03 13.42
N PHE B 241 -6.26 -4.94 12.74
CA PHE B 241 -5.09 -4.94 11.85
C PHE B 241 -3.75 -4.93 12.59
N LEU B 242 -3.79 -4.46 13.85
CA LEU B 242 -2.65 -4.58 14.73
C LEU B 242 -2.44 -6.05 15.09
N VAL B 243 -3.52 -6.67 15.59
CA VAL B 243 -3.55 -8.09 15.98
C VAL B 243 -3.21 -9.03 14.82
N ASN B 244 -3.67 -8.68 13.62
CA ASN B 244 -3.41 -9.47 12.42
C ASN B 244 -1.90 -9.61 12.08
N ILE B 245 -1.10 -8.58 12.37
CA ILE B 245 0.36 -8.66 12.20
C ILE B 245 1.00 -9.40 13.37
N VAL B 246 0.48 -9.14 14.58
CA VAL B 246 0.92 -9.82 15.81
C VAL B 246 0.85 -11.35 15.66
N ASN B 247 -0.27 -11.85 15.15
CA ASN B 247 -0.45 -13.30 14.95
C ASN B 247 0.63 -13.98 14.10
N VAL B 248 1.11 -13.28 13.07
CA VAL B 248 2.16 -13.80 12.18
C VAL B 248 3.50 -14.05 12.89
N PHE B 249 3.79 -13.29 13.94
CA PHE B 249 4.99 -13.52 14.75
C PHE B 249 4.69 -14.44 15.95
N ASN B 250 4.13 -13.93 17.05
CA ASN B 250 3.81 -14.76 18.23
C ASN B 250 2.35 -15.22 18.17
N ARG B 251 2.13 -16.42 17.62
CA ARG B 251 0.77 -16.90 17.33
C ARG B 251 -0.17 -17.12 18.54
N ASP B 252 0.38 -17.42 19.72
CA ASP B 252 -0.43 -17.74 20.91
C ASP B 252 -0.92 -16.49 21.65
N LEU B 253 -0.15 -15.40 21.56
CA LEU B 253 -0.31 -14.20 22.41
C LEU B 253 -1.76 -13.71 22.53
N VAL B 254 -2.45 -13.58 21.39
CA VAL B 254 -3.83 -13.09 21.35
C VAL B 254 -4.80 -14.25 21.11
N PRO B 255 -5.88 -14.35 21.92
CA PRO B 255 -6.87 -15.42 21.66
C PRO B 255 -7.64 -15.27 20.34
N ASP B 256 -8.28 -16.36 19.92
CA ASP B 256 -9.05 -16.37 18.67
C ASP B 256 -10.38 -15.65 18.82
N TRP B 257 -11.05 -15.82 19.96
CA TRP B 257 -12.32 -15.08 20.22
C TRP B 257 -12.16 -13.55 20.16
N LEU B 258 -11.00 -13.04 20.58
CA LEU B 258 -10.72 -11.59 20.51
C LEU B 258 -10.46 -11.15 19.07
N PHE B 259 -9.55 -11.85 18.41
CA PHE B 259 -9.23 -11.60 16.99
C PHE B 259 -10.48 -11.47 16.14
N VAL B 260 -11.39 -12.44 16.26
CA VAL B 260 -12.66 -12.41 15.53
C VAL B 260 -13.52 -11.23 16.00
N ALA B 261 -13.57 -11.00 17.31
CA ALA B 261 -14.33 -9.85 17.84
C ALA B 261 -13.81 -8.49 17.36
N PHE B 262 -12.49 -8.36 17.20
CA PHE B 262 -11.90 -7.16 16.58
C PHE B 262 -12.25 -7.04 15.09
N ASN B 263 -12.36 -8.16 14.38
CA ASN B 263 -12.81 -8.15 12.98
C ASN B 263 -14.27 -7.72 12.88
N TRP B 264 -15.10 -8.09 13.86
CA TRP B 264 -16.49 -7.63 13.87
C TRP B 264 -16.60 -6.13 14.08
N LEU B 265 -15.70 -5.58 14.90
CA LEU B 265 -15.63 -4.14 15.11
C LEU B 265 -15.33 -3.39 13.81
N GLY B 266 -14.45 -3.96 12.99
CA GLY B 266 -14.17 -3.43 11.64
C GLY B 266 -15.38 -3.41 10.71
N TYR B 267 -16.17 -4.50 10.74
CA TYR B 267 -17.42 -4.51 9.95
C TYR B 267 -18.39 -3.45 10.43
N ALA B 268 -18.30 -3.04 11.69
CA ALA B 268 -19.15 -1.98 12.24
C ALA B 268 -18.93 -0.64 11.53
N ASN B 269 -17.67 -0.35 11.17
CA ASN B 269 -17.32 0.85 10.38
C ASN B 269 -18.16 0.98 9.12
N SER B 270 -18.47 -0.15 8.47
CA SER B 270 -19.32 -0.15 7.27
C SER B 270 -20.73 0.39 7.52
N ALA B 271 -21.23 0.27 8.75
CA ALA B 271 -22.50 0.87 9.16
C ALA B 271 -22.34 2.34 9.54
N MET B 272 -21.18 2.67 10.09
CA MET B 272 -20.86 4.04 10.47
C MET B 272 -20.66 4.99 9.28
N ASN B 273 -20.09 4.50 8.18
CA ASN B 273 -19.71 5.39 7.06
C ASN B 273 -20.84 6.24 6.47
N PRO B 274 -22.03 5.66 6.20
CA PRO B 274 -23.15 6.49 5.76
C PRO B 274 -23.47 7.67 6.69
N ILE B 275 -23.38 7.43 8.00
CA ILE B 275 -23.68 8.45 9.00
C ILE B 275 -22.66 9.58 8.96
N ILE B 276 -21.39 9.25 8.70
CA ILE B 276 -20.30 10.23 8.71
C ILE B 276 -20.29 11.04 7.41
N TYR B 277 -20.25 10.33 6.30
CA TYR B 277 -19.96 10.93 5.00
C TYR B 277 -21.18 11.32 4.16
N CYS B 278 -22.39 11.26 4.71
CA CYS B 278 -23.60 11.65 3.93
C CYS B 278 -24.54 12.55 4.72
N ARG B 279 -23.96 13.53 5.42
CA ARG B 279 -24.71 14.47 6.24
C ARG B 279 -25.08 15.77 5.51
N SER B 280 -24.70 15.90 4.23
CA SER B 280 -24.94 17.14 3.49
C SER B 280 -26.43 17.49 3.46
N PRO B 281 -26.78 18.79 3.41
CA PRO B 281 -28.19 19.16 3.35
C PRO B 281 -28.92 18.57 2.15
N ASP B 282 -28.22 18.42 1.01
CA ASP B 282 -28.77 17.67 -0.12
C ASP B 282 -29.01 16.18 0.16
N PHE B 283 -28.10 15.54 0.90
CA PHE B 283 -28.33 14.15 1.36
C PHE B 283 -29.55 14.09 2.29
N ARG B 284 -29.62 15.00 3.26
CA ARG B 284 -30.73 15.03 4.23
C ARG B 284 -32.08 15.19 3.55
N LYS B 285 -32.14 15.96 2.47
CA LYS B 285 -33.37 16.13 1.69
C LYS B 285 -33.72 14.85 0.93
N ALA B 286 -32.74 14.30 0.24
CA ALA B 286 -32.95 13.08 -0.55
C ALA B 286 -33.43 11.91 0.32
N PHE B 287 -32.89 11.78 1.53
CA PHE B 287 -33.30 10.70 2.45
C PHE B 287 -34.76 10.84 2.91
N LYS B 288 -35.21 12.07 3.17
CA LYS B 288 -36.62 12.30 3.50
C LYS B 288 -37.49 11.96 2.30
N ARG B 289 -37.11 12.48 1.14
CA ARG B 289 -37.79 12.18 -0.12
C ARG B 289 -37.88 10.68 -0.40
N LEU B 290 -36.82 9.93 -0.11
CA LEU B 290 -36.80 8.47 -0.32
C LEU B 290 -37.64 7.69 0.68
N LEU B 291 -37.80 8.19 1.90
CA LEU B 291 -38.61 7.51 2.92
C LEU B 291 -40.02 8.12 3.02
N ALA B 292 -40.62 8.39 1.86
CA ALA B 292 -42.03 8.78 1.71
C ALA B 292 -42.34 10.20 2.22
N GLN C 2 -25.95 33.98 13.35
CA GLN C 2 -26.44 33.87 11.93
C GLN C 2 -25.48 34.55 10.96
N VAL C 3 -25.23 33.93 9.80
CA VAL C 3 -24.39 34.53 8.75
C VAL C 3 -25.27 35.40 7.86
N GLN C 4 -24.78 36.61 7.54
CA GLN C 4 -25.45 37.49 6.59
C GLN C 4 -24.44 38.18 5.69
N LEU C 5 -24.85 38.40 4.45
CA LEU C 5 -24.01 39.02 3.43
C LEU C 5 -24.64 40.33 3.02
N GLN C 6 -23.88 41.42 3.21
CA GLN C 6 -24.38 42.78 2.92
C GLN C 6 -23.70 43.35 1.67
N GLU C 7 -24.47 43.52 0.60
CA GLU C 7 -23.93 44.02 -0.68
C GLU C 7 -24.06 45.54 -0.84
N SER C 8 -23.05 46.15 -1.41
CA SER C 8 -23.06 47.58 -1.66
C SER C 8 -22.16 47.92 -2.82
N GLY C 9 -22.37 49.11 -3.39
CA GLY C 9 -21.52 49.64 -4.45
C GLY C 9 -22.13 49.57 -5.83
N GLY C 10 -23.30 48.95 -5.94
CA GLY C 10 -23.99 48.84 -7.21
C GLY C 10 -24.71 50.12 -7.62
N GLY C 11 -25.20 50.13 -8.86
CA GLY C 11 -26.10 51.18 -9.33
C GLY C 11 -26.04 51.47 -10.82
N LEU C 12 -26.41 52.70 -11.17
CA LEU C 12 -26.28 53.20 -12.54
C LEU C 12 -24.87 53.77 -12.76
N VAL C 13 -24.38 53.59 -13.98
CA VAL C 13 -23.06 54.07 -14.38
C VAL C 13 -22.96 54.07 -15.90
N GLN C 14 -22.25 55.06 -16.41
CA GLN C 14 -22.03 55.23 -17.84
C GLN C 14 -21.07 54.15 -18.35
N ALA C 15 -21.34 53.62 -19.54
CA ALA C 15 -20.42 52.68 -20.19
C ALA C 15 -19.02 53.29 -20.33
N GLY C 16 -18.01 52.45 -20.18
CA GLY C 16 -16.62 52.89 -20.10
C GLY C 16 -16.17 53.23 -18.69
N GLY C 17 -17.11 53.32 -17.74
CA GLY C 17 -16.82 53.72 -16.36
C GLY C 17 -16.49 52.54 -15.46
N SER C 18 -16.62 52.76 -14.16
CA SER C 18 -16.20 51.78 -13.18
C SER C 18 -17.07 51.79 -11.92
N LEU C 19 -17.26 50.60 -11.34
CA LEU C 19 -17.86 50.43 -10.02
C LEU C 19 -16.97 49.57 -9.14
N ARG C 20 -17.26 49.60 -7.85
CA ARG C 20 -16.57 48.77 -6.88
C ARG C 20 -17.57 48.17 -5.90
N LEU C 21 -17.96 46.93 -6.19
CA LEU C 21 -18.83 46.16 -5.29
C LEU C 21 -18.09 45.75 -4.05
N SER C 22 -18.85 45.48 -3.00
CA SER C 22 -18.29 45.16 -1.70
C SER C 22 -19.30 44.35 -0.91
N CYS C 23 -18.91 43.14 -0.51
CA CYS C 23 -19.77 42.25 0.26
C CYS C 23 -19.14 41.96 1.61
N ALA C 24 -19.77 42.40 2.69
CA ALA C 24 -19.28 42.17 4.05
C ALA C 24 -20.10 41.06 4.72
N ALA C 25 -19.45 39.93 4.97
CA ALA C 25 -20.08 38.78 5.61
C ALA C 25 -19.96 38.85 7.13
N SER C 26 -21.08 39.12 7.81
CA SER C 26 -21.14 39.12 9.27
C SER C 26 -21.67 37.78 9.75
N GLY C 27 -20.81 36.97 10.35
CA GLY C 27 -21.21 35.70 10.97
C GLY C 27 -20.05 34.75 11.07
N SER C 28 -20.29 33.55 11.62
CA SER C 28 -19.25 32.54 11.77
C SER C 28 -18.96 31.83 10.46
N ILE C 29 -17.76 32.04 9.91
CA ILE C 29 -17.32 31.39 8.68
C ILE C 29 -16.03 30.62 9.02
N PHE C 30 -15.86 29.46 8.38
CA PHE C 30 -14.66 28.63 8.55
C PHE C 30 -13.52 29.34 7.85
N ALA C 31 -12.33 29.24 8.42
CA ALA C 31 -11.14 29.89 7.89
C ALA C 31 -10.92 29.56 6.42
N LEU C 32 -11.17 28.30 6.04
CA LEU C 32 -11.08 27.88 4.65
C LEU C 32 -12.43 28.06 3.96
N ASN C 33 -12.44 28.90 2.93
CA ASN C 33 -13.68 29.28 2.23
C ASN C 33 -13.42 29.96 0.90
N ILE C 34 -14.48 30.11 0.10
CA ILE C 34 -14.45 30.90 -1.12
C ILE C 34 -15.50 32.00 -1.04
N MET C 35 -15.06 33.24 -1.24
CA MET C 35 -15.97 34.39 -1.43
C MET C 35 -15.98 34.76 -2.91
N GLY C 36 -17.17 35.00 -3.42
CA GLY C 36 -17.34 35.19 -4.86
C GLY C 36 -18.49 36.09 -5.24
N TRP C 37 -18.50 36.45 -6.52
CA TRP C 37 -19.56 37.23 -7.12
C TRP C 37 -20.12 36.43 -8.29
N TYR C 38 -21.43 36.30 -8.29
CA TYR C 38 -22.17 35.74 -9.41
C TYR C 38 -23.12 36.83 -9.92
N ARG C 39 -23.62 36.65 -11.14
CA ARG C 39 -24.57 37.60 -11.72
C ARG C 39 -25.63 36.90 -12.57
N GLN C 40 -26.78 37.55 -12.72
CA GLN C 40 -27.87 37.03 -13.53
C GLN C 40 -28.47 38.15 -14.38
N ALA C 41 -28.09 38.18 -15.67
CA ALA C 41 -28.66 39.11 -16.64
C ALA C 41 -30.14 38.84 -16.89
N PRO C 42 -30.93 39.87 -17.28
CA PRO C 42 -32.37 39.61 -17.44
C PRO C 42 -32.63 38.57 -18.51
N GLY C 43 -33.48 37.59 -18.21
CA GLY C 43 -33.76 36.47 -19.11
C GLY C 43 -32.56 35.59 -19.42
N LYS C 44 -31.64 35.46 -18.47
CA LYS C 44 -30.48 34.57 -18.59
C LYS C 44 -30.30 33.80 -17.28
N GLN C 45 -29.39 32.84 -17.29
CA GLN C 45 -29.10 32.06 -16.09
C GLN C 45 -27.97 32.73 -15.32
N ARG C 46 -27.88 32.41 -14.03
CA ARG C 46 -26.82 32.91 -13.15
C ARG C 46 -25.47 32.34 -13.58
N GLU C 47 -24.45 33.18 -13.57
CA GLU C 47 -23.11 32.80 -14.00
C GLU C 47 -22.08 33.32 -13.02
N LEU C 48 -20.94 32.65 -12.90
CA LEU C 48 -19.86 33.12 -12.04
C LEU C 48 -19.18 34.29 -12.73
N VAL C 49 -18.97 35.36 -11.97
CA VAL C 49 -18.23 36.53 -12.41
C VAL C 49 -16.78 36.33 -11.99
N ALA C 50 -16.58 36.22 -10.68
CA ALA C 50 -15.25 36.07 -10.10
C ALA C 50 -15.29 35.55 -8.67
N ALA C 51 -14.21 34.88 -8.27
CA ALA C 51 -14.12 34.21 -6.97
C ALA C 51 -12.70 34.22 -6.42
N ILE C 52 -12.59 34.31 -5.09
CA ILE C 52 -11.30 34.29 -4.41
C ILE C 52 -11.37 33.38 -3.18
N HIS C 53 -10.42 32.45 -3.12
CA HIS C 53 -10.26 31.51 -1.99
C HIS C 53 -9.56 32.20 -0.82
N SER C 54 -9.73 31.66 0.38
CA SER C 54 -9.07 32.17 1.59
C SER C 54 -7.55 32.26 1.47
N GLY C 55 -6.95 31.26 0.83
CA GLY C 55 -5.54 31.23 0.46
C GLY C 55 -5.07 32.40 -0.38
N GLY C 56 -5.87 32.82 -1.35
CA GLY C 56 -5.55 33.95 -2.24
C GLY C 56 -5.66 33.67 -3.73
N THR C 57 -5.74 32.39 -4.10
CA THR C 57 -5.97 31.99 -5.48
C THR C 57 -7.33 32.53 -5.96
N THR C 58 -7.43 32.80 -7.24
CA THR C 58 -8.63 33.40 -7.84
C THR C 58 -9.10 32.68 -9.10
N ASN C 59 -10.30 33.02 -9.53
CA ASN C 59 -10.91 32.42 -10.71
C ASN C 59 -11.86 33.46 -11.30
N TYR C 60 -11.73 33.73 -12.60
CA TYR C 60 -12.52 34.75 -13.30
C TYR C 60 -13.19 34.18 -14.54
N ALA C 61 -14.41 34.63 -14.84
CA ALA C 61 -15.04 34.36 -16.15
C ALA C 61 -14.30 35.05 -17.29
N ASN C 62 -14.38 34.49 -18.49
CA ASN C 62 -13.66 35.02 -19.65
C ASN C 62 -14.14 36.41 -20.07
N SER C 63 -15.44 36.63 -20.03
CA SER C 63 -16.02 37.95 -20.39
C SER C 63 -15.46 39.10 -19.56
N VAL C 64 -15.14 38.87 -18.28
CA VAL C 64 -14.63 39.92 -17.38
C VAL C 64 -13.10 39.93 -17.16
N LYS C 65 -12.38 39.01 -17.78
CA LYS C 65 -10.92 38.95 -17.64
C LYS C 65 -10.26 40.21 -18.18
N GLY C 66 -9.26 40.70 -17.47
CA GLY C 66 -8.59 41.96 -17.82
C GLY C 66 -9.32 43.22 -17.39
N ARG C 67 -10.58 43.09 -16.92
CA ARG C 67 -11.40 44.23 -16.57
C ARG C 67 -11.73 44.23 -15.08
N PHE C 68 -12.34 43.15 -14.61
CA PHE C 68 -12.76 43.03 -13.22
C PHE C 68 -11.61 42.45 -12.41
N THR C 69 -11.57 42.83 -11.13
CA THR C 69 -10.56 42.35 -10.18
C THR C 69 -11.21 42.08 -8.82
N ILE C 70 -11.03 40.85 -8.34
CA ILE C 70 -11.59 40.42 -7.06
C ILE C 70 -10.46 40.35 -6.04
N SER C 71 -10.76 40.81 -4.85
CA SER C 71 -9.79 40.91 -3.80
C SER C 71 -10.58 40.86 -2.55
N ARG C 72 -9.94 40.49 -1.45
CA ARG C 72 -10.64 40.37 -0.19
C ARG C 72 -9.89 41.10 0.88
N ASP C 73 -10.66 41.58 1.86
CA ASP C 73 -10.12 42.20 3.05
C ASP C 73 -9.37 41.13 3.83
N ASN C 74 -8.10 41.42 4.08
CA ASN C 74 -7.20 40.52 4.78
C ASN C 74 -7.64 40.27 6.24
N ALA C 75 -8.11 41.31 6.92
CA ALA C 75 -8.68 41.18 8.26
C ALA C 75 -10.09 40.57 8.21
N ALA C 76 -11.09 41.37 7.80
CA ALA C 76 -12.51 40.99 7.89
C ALA C 76 -12.97 40.04 6.77
N ASN C 77 -14.14 39.43 6.97
CA ASN C 77 -14.83 38.70 5.91
C ASN C 77 -15.53 39.68 4.98
N THR C 78 -14.74 40.36 4.13
CA THR C 78 -15.27 41.28 3.12
C THR C 78 -14.56 41.09 1.79
N VAL C 79 -15.32 41.01 0.71
CA VAL C 79 -14.79 40.75 -0.62
C VAL C 79 -15.23 41.88 -1.54
N TYR C 80 -14.29 42.34 -2.36
CA TYR C 80 -14.47 43.49 -3.24
C TYR C 80 -14.35 43.07 -4.70
N LEU C 81 -15.28 43.50 -5.54
CA LEU C 81 -15.13 43.37 -7.00
C LEU C 81 -14.99 44.75 -7.63
N GLN C 82 -13.79 45.04 -8.12
CA GLN C 82 -13.48 46.30 -8.77
C GLN C 82 -13.76 46.15 -10.25
N MET C 83 -14.91 46.68 -10.72
CA MET C 83 -15.35 46.54 -12.10
C MET C 83 -14.97 47.77 -12.93
N ASN C 84 -14.00 47.63 -13.84
CA ASN C 84 -13.57 48.71 -14.76
C ASN C 84 -13.96 48.38 -16.20
N SER C 85 -13.91 49.39 -17.07
CA SER C 85 -14.25 49.26 -18.51
C SER C 85 -15.64 48.64 -18.74
N LEU C 86 -16.60 49.09 -17.95
CA LEU C 86 -17.95 48.50 -17.96
C LEU C 86 -18.63 48.64 -19.31
N LYS C 87 -19.49 47.67 -19.62
CA LYS C 87 -20.22 47.63 -20.88
C LYS C 87 -21.68 47.34 -20.57
N PRO C 88 -22.59 47.69 -21.50
CA PRO C 88 -24.01 47.36 -21.25
C PRO C 88 -24.31 45.86 -21.09
N GLU C 89 -23.44 45.02 -21.65
CA GLU C 89 -23.51 43.57 -21.50
C GLU C 89 -23.41 43.10 -20.04
N ASP C 90 -22.65 43.84 -19.21
CA ASP C 90 -22.47 43.51 -17.78
C ASP C 90 -23.68 43.80 -16.89
N THR C 91 -24.70 44.47 -17.45
CA THR C 91 -25.91 44.76 -16.71
C THR C 91 -26.56 43.48 -16.17
N ALA C 92 -26.63 43.38 -14.86
CA ALA C 92 -27.28 42.25 -14.20
C ALA C 92 -27.47 42.52 -12.70
N VAL C 93 -28.20 41.62 -12.05
CA VAL C 93 -28.26 41.58 -10.59
C VAL C 93 -27.04 40.77 -10.16
N TYR C 94 -26.16 41.39 -9.36
CA TYR C 94 -24.95 40.73 -8.86
C TYR C 94 -25.19 40.20 -7.46
N TYR C 95 -24.87 38.92 -7.24
CA TYR C 95 -25.02 38.24 -5.95
C TYR C 95 -23.67 37.86 -5.34
N CYS C 96 -23.54 38.08 -4.03
CA CYS C 96 -22.36 37.69 -3.27
C CYS C 96 -22.54 36.26 -2.78
N ASN C 97 -21.54 35.40 -2.94
CA ASN C 97 -21.62 33.99 -2.50
C ASN C 97 -20.46 33.64 -1.57
N VAL C 98 -20.75 32.87 -0.53
CA VAL C 98 -19.73 32.31 0.35
C VAL C 98 -19.90 30.79 0.40
N LYS C 99 -18.84 30.07 0.01
CA LYS C 99 -18.76 28.62 0.23
C LYS C 99 -17.92 28.35 1.47
N ASP C 100 -18.59 27.82 2.49
CA ASP C 100 -17.97 27.47 3.76
C ASP C 100 -17.54 25.99 3.72
N PHE C 101 -16.26 25.69 3.94
CA PHE C 101 -15.78 24.30 3.96
C PHE C 101 -15.75 23.66 5.36
N GLY C 102 -16.53 24.18 6.29
CA GLY C 102 -16.43 23.77 7.70
C GLY C 102 -16.90 22.36 8.03
N ALA C 103 -17.61 21.70 7.11
CA ALA C 103 -18.03 20.32 7.33
C ALA C 103 -17.06 19.30 6.75
N ILE C 104 -16.06 19.77 5.99
CA ILE C 104 -15.03 18.93 5.40
C ILE C 104 -15.51 18.10 4.23
N ILE C 105 -16.56 17.31 4.43
CA ILE C 105 -17.03 16.37 3.41
C ILE C 105 -17.88 17.10 2.36
N TYR C 106 -18.62 18.11 2.81
CA TYR C 106 -19.44 18.94 1.95
C TYR C 106 -19.27 20.43 2.24
N ASP C 107 -19.71 21.23 1.28
CA ASP C 107 -19.64 22.70 1.43
C ASP C 107 -21.04 23.23 1.66
N TYR C 108 -21.16 24.19 2.59
CA TYR C 108 -22.40 24.92 2.84
C TYR C 108 -22.35 26.26 2.12
N ASP C 109 -23.42 26.61 1.42
CA ASP C 109 -23.54 27.88 0.67
C ASP C 109 -24.37 28.98 1.34
N TYR C 110 -23.86 30.22 1.27
CA TYR C 110 -24.59 31.43 1.66
C TYR C 110 -24.70 32.33 0.45
N TRP C 111 -25.90 32.87 0.21
CA TRP C 111 -26.12 33.83 -0.88
C TRP C 111 -26.63 35.17 -0.38
N GLY C 112 -26.14 36.25 -0.97
CA GLY C 112 -26.68 37.60 -0.74
C GLY C 112 -28.00 37.84 -1.43
N GLN C 113 -28.75 38.84 -0.95
CA GLN C 113 -30.02 39.24 -1.55
C GLN C 113 -29.85 39.71 -3.01
N GLY C 114 -28.72 40.35 -3.27
CA GLY C 114 -28.34 40.82 -4.59
C GLY C 114 -28.32 42.33 -4.64
N THR C 115 -27.55 42.88 -5.58
CA THR C 115 -27.52 44.32 -5.82
C THR C 115 -27.49 44.59 -7.33
N GLN C 116 -28.28 45.57 -7.76
CA GLN C 116 -28.49 45.84 -9.18
C GLN C 116 -27.36 46.68 -9.71
N VAL C 117 -26.88 46.32 -10.89
CA VAL C 117 -25.89 47.09 -11.62
C VAL C 117 -26.43 47.27 -13.03
N THR C 118 -26.61 48.53 -13.45
CA THR C 118 -27.10 48.84 -14.79
C THR C 118 -26.11 49.76 -15.49
N VAL C 119 -25.61 49.30 -16.63
CA VAL C 119 -24.68 50.09 -17.42
C VAL C 119 -25.37 50.56 -18.69
N SER C 120 -25.49 51.88 -18.85
CA SER C 120 -26.13 52.49 -20.02
C SER C 120 -25.07 52.84 -21.07
N SER C 121 -25.46 52.86 -22.34
CA SER C 121 -24.52 53.01 -23.46
C SER C 121 -23.87 54.38 -23.55
N ASP D 2 -9.24 26.19 -18.65
CA ASP D 2 -7.95 26.81 -18.22
C ASP D 2 -6.78 26.49 -19.19
N LYS D 3 -6.69 25.22 -19.60
CA LYS D 3 -5.71 24.77 -20.61
C LYS D 3 -5.98 25.31 -22.03
N ILE D 4 -7.22 25.74 -22.30
CA ILE D 4 -7.64 26.28 -23.61
C ILE D 4 -7.19 27.74 -23.85
N ILE D 5 -6.56 27.97 -25.01
CA ILE D 5 -6.15 29.32 -25.45
C ILE D 5 -7.37 30.00 -26.09
N HIS D 6 -7.60 31.25 -25.74
CA HIS D 6 -8.71 32.04 -26.28
C HIS D 6 -8.19 33.05 -27.31
N LEU D 7 -8.44 32.76 -28.59
CA LEU D 7 -7.78 33.46 -29.70
C LEU D 7 -8.46 34.77 -30.07
N THR D 8 -7.69 35.67 -30.68
CA THR D 8 -8.20 36.87 -31.35
C THR D 8 -7.78 36.80 -32.83
N ASP D 9 -7.98 37.89 -33.57
CA ASP D 9 -7.55 37.98 -34.97
C ASP D 9 -6.02 38.10 -35.02
N ASP D 10 -5.47 39.07 -34.31
CA ASP D 10 -4.02 39.35 -34.31
C ASP D 10 -3.19 38.26 -33.63
N SER D 11 -3.69 37.73 -32.53
CA SER D 11 -3.01 36.66 -31.80
C SER D 11 -2.96 35.32 -32.55
N PHE D 12 -3.84 35.13 -33.55
CA PHE D 12 -3.91 33.88 -34.32
C PHE D 12 -2.57 33.44 -34.94
N ASP D 13 -1.77 34.40 -35.43
CA ASP D 13 -0.47 34.09 -36.02
C ASP D 13 0.53 33.56 -34.98
N THR D 14 0.54 34.13 -33.78
CA THR D 14 1.45 33.74 -32.69
C THR D 14 0.96 32.51 -31.92
N ASP D 15 -0.35 32.44 -31.66
CA ASP D 15 -0.93 31.37 -30.85
C ASP D 15 -1.07 30.03 -31.57
N VAL D 16 -1.22 30.07 -32.90
CA VAL D 16 -1.52 28.87 -33.71
C VAL D 16 -0.48 28.59 -34.78
N LEU D 17 -0.21 29.57 -35.65
CA LEU D 17 0.70 29.36 -36.81
C LEU D 17 2.17 29.21 -36.39
N LYS D 18 2.63 30.08 -35.51
CA LYS D 18 4.00 30.01 -34.97
C LYS D 18 4.13 29.20 -33.66
N ALA D 19 3.01 28.67 -33.15
CA ALA D 19 3.03 27.88 -31.90
C ALA D 19 3.52 26.46 -32.13
N ASP D 20 4.21 25.94 -31.13
CA ASP D 20 4.82 24.62 -31.22
C ASP D 20 3.76 23.54 -31.00
N GLY D 21 3.91 22.42 -31.70
CA GLY D 21 3.02 21.28 -31.54
C GLY D 21 1.73 21.43 -32.32
N ALA D 22 0.82 20.48 -32.11
CA ALA D 22 -0.46 20.40 -32.82
C ALA D 22 -1.52 21.22 -32.08
N ILE D 23 -2.14 22.18 -32.78
CA ILE D 23 -3.20 23.04 -32.20
C ILE D 23 -4.54 22.69 -32.82
N LEU D 24 -5.54 22.33 -32.00
CA LEU D 24 -6.92 22.11 -32.47
C LEU D 24 -7.72 23.39 -32.28
N VAL D 25 -8.04 24.07 -33.39
CA VAL D 25 -8.79 25.33 -33.36
C VAL D 25 -10.28 25.04 -33.45
N ASP D 26 -11.07 25.79 -32.67
CA ASP D 26 -12.54 25.71 -32.69
C ASP D 26 -13.13 27.07 -33.10
N PHE D 27 -14.02 27.03 -34.11
CA PHE D 27 -14.74 28.21 -34.60
C PHE D 27 -16.16 28.16 -34.07
N TRP D 28 -16.40 28.90 -32.97
CA TRP D 28 -17.65 28.89 -32.27
C TRP D 28 -18.30 30.28 -32.35
N ALA D 29 -19.57 30.34 -31.96
CA ALA D 29 -20.30 31.61 -31.93
C ALA D 29 -21.34 31.57 -30.82
N GLU D 30 -21.62 32.72 -30.22
CA GLU D 30 -22.60 32.80 -29.12
C GLU D 30 -24.05 32.53 -29.60
N TRP D 31 -24.32 32.72 -30.90
CA TRP D 31 -25.65 32.49 -31.48
C TRP D 31 -25.91 31.05 -31.97
N SER D 32 -24.88 30.20 -32.00
CA SER D 32 -25.01 28.84 -32.53
C SER D 32 -25.10 27.82 -31.41
N GLY D 33 -26.26 27.19 -31.28
CA GLY D 33 -26.46 26.11 -30.32
C GLY D 33 -25.63 24.88 -30.59
N PRO D 34 -25.38 24.55 -31.88
CA PRO D 34 -24.40 23.52 -32.22
C PRO D 34 -22.98 23.82 -31.73
N SER D 35 -22.57 25.09 -31.80
CA SER D 35 -21.25 25.52 -31.34
C SER D 35 -21.02 25.47 -29.84
N LYS D 36 -22.12 25.52 -29.07
CA LYS D 36 -22.09 25.37 -27.61
C LYS D 36 -22.05 23.91 -27.15
N MET D 37 -22.68 23.00 -27.90
CA MET D 37 -22.71 21.57 -27.57
C MET D 37 -21.31 20.93 -27.43
N ILE D 38 -20.32 21.43 -28.20
CA ILE D 38 -18.93 20.92 -28.08
C ILE D 38 -18.06 21.65 -27.04
N ALA D 39 -18.55 22.72 -26.44
CA ALA D 39 -17.77 23.50 -25.46
C ALA D 39 -17.32 22.70 -24.21
N PRO D 40 -18.25 21.98 -23.53
CA PRO D 40 -17.80 21.13 -22.40
C PRO D 40 -16.98 19.90 -22.81
N ILE D 41 -17.23 19.35 -24.00
CA ILE D 41 -16.48 18.19 -24.51
C ILE D 41 -15.04 18.59 -24.90
N LEU D 42 -14.86 19.80 -25.44
CA LEU D 42 -13.51 20.32 -25.72
C LEU D 42 -12.72 20.63 -24.43
N ASP D 43 -13.42 21.13 -23.40
CA ASP D 43 -12.81 21.33 -22.07
C ASP D 43 -12.24 20.04 -21.49
N GLU D 44 -12.96 18.94 -21.68
CA GLU D 44 -12.49 17.62 -21.26
C GLU D 44 -11.33 17.10 -22.13
N ILE D 45 -11.40 17.37 -23.44
CA ILE D 45 -10.32 16.98 -24.39
C ILE D 45 -9.00 17.71 -24.11
N ALA D 46 -9.06 18.96 -23.67
CA ALA D 46 -7.86 19.72 -23.33
C ALA D 46 -7.05 19.08 -22.18
N ASP D 47 -7.76 18.52 -21.19
CA ASP D 47 -7.14 17.83 -20.05
C ASP D 47 -6.68 16.42 -20.43
N GLU D 48 -7.56 15.66 -21.08
CA GLU D 48 -7.30 14.27 -21.48
C GLU D 48 -6.24 14.13 -22.56
N TYR D 49 -6.22 15.05 -23.53
CA TYR D 49 -5.14 15.12 -24.53
C TYR D 49 -4.10 16.22 -24.18
N GLN D 50 -3.83 16.44 -22.89
CA GLN D 50 -2.78 17.39 -22.45
C GLN D 50 -1.42 16.86 -22.90
N GLY D 51 -0.59 17.73 -23.48
CA GLY D 51 0.73 17.31 -23.98
C GLY D 51 0.77 16.63 -25.35
N LYS D 52 -0.36 16.06 -25.81
CA LYS D 52 -0.50 15.52 -27.18
C LYS D 52 -1.00 16.57 -28.18
N LEU D 53 -1.86 17.47 -27.70
CA LEU D 53 -2.28 18.66 -28.47
C LEU D 53 -2.67 19.82 -27.54
N THR D 54 -2.96 20.96 -28.16
CA THR D 54 -3.45 22.16 -27.49
C THR D 54 -4.79 22.55 -28.10
N VAL D 55 -5.83 22.69 -27.28
CA VAL D 55 -7.14 23.13 -27.76
C VAL D 55 -7.14 24.66 -27.75
N ALA D 56 -7.46 25.27 -28.89
CA ALA D 56 -7.66 26.72 -29.00
C ALA D 56 -9.07 27.03 -29.52
N LYS D 57 -9.63 28.13 -29.07
CA LYS D 57 -10.99 28.55 -29.45
C LYS D 57 -10.96 29.98 -29.98
N LEU D 58 -11.85 30.26 -30.93
CA LEU D 58 -11.94 31.58 -31.54
C LEU D 58 -13.40 31.95 -31.79
N ASN D 59 -13.86 33.05 -31.18
CA ASN D 59 -15.22 33.56 -31.38
C ASN D 59 -15.32 34.27 -32.74
N ILE D 60 -16.01 33.63 -33.69
CA ILE D 60 -16.17 34.14 -35.07
C ILE D 60 -16.93 35.48 -35.18
N ASP D 61 -17.76 35.81 -34.18
CA ASP D 61 -18.44 37.11 -34.09
C ASP D 61 -17.42 38.22 -33.80
N GLN D 62 -16.69 38.07 -32.70
CA GLN D 62 -15.67 39.05 -32.28
C GLN D 62 -14.47 39.16 -33.22
N ASN D 63 -14.13 38.05 -33.90
CA ASN D 63 -13.00 38.00 -34.85
C ASN D 63 -13.50 37.47 -36.21
N PRO D 64 -14.17 38.35 -37.00
CA PRO D 64 -14.66 37.88 -38.31
C PRO D 64 -13.58 37.67 -39.38
N GLY D 65 -12.37 38.19 -39.16
CA GLY D 65 -11.30 38.12 -40.16
C GLY D 65 -10.65 36.75 -40.40
N THR D 66 -10.49 35.97 -39.34
CA THR D 66 -9.83 34.65 -39.42
C THR D 66 -10.59 33.60 -40.25
N ALA D 67 -11.92 33.53 -40.08
CA ALA D 67 -12.72 32.44 -40.63
C ALA D 67 -12.81 32.34 -42.17
N PRO D 68 -12.95 33.49 -42.87
CA PRO D 68 -12.89 33.47 -44.34
C PRO D 68 -11.59 32.88 -44.92
N LYS D 69 -10.45 33.13 -44.25
CA LYS D 69 -9.13 32.68 -44.75
C LYS D 69 -9.02 31.17 -45.00
N TYR D 70 -9.73 30.36 -44.19
CA TYR D 70 -9.71 28.89 -44.29
C TYR D 70 -11.02 28.30 -44.84
N GLY D 71 -12.00 29.14 -45.18
CA GLY D 71 -13.19 28.69 -45.90
C GLY D 71 -14.18 27.94 -45.02
N ILE D 72 -14.51 28.55 -43.88
CA ILE D 72 -15.40 27.93 -42.90
C ILE D 72 -16.86 28.07 -43.36
N ARG D 73 -17.45 26.96 -43.80
CA ARG D 73 -18.85 26.96 -44.25
C ARG D 73 -19.85 27.01 -43.07
N GLY D 74 -19.88 25.94 -42.27
CA GLY D 74 -20.76 25.84 -41.09
C GLY D 74 -20.00 26.10 -39.80
N ILE D 75 -20.68 25.95 -38.67
CA ILE D 75 -20.05 25.91 -37.34
C ILE D 75 -20.81 24.91 -36.45
N PRO D 76 -20.12 24.23 -35.51
CA PRO D 76 -18.70 24.42 -35.19
C PRO D 76 -17.75 23.67 -36.13
N THR D 77 -16.63 24.31 -36.48
CA THR D 77 -15.58 23.70 -37.29
C THR D 77 -14.34 23.51 -36.44
N LEU D 78 -13.79 22.29 -36.46
CA LEU D 78 -12.56 21.94 -35.74
C LEU D 78 -11.43 21.66 -36.73
N LEU D 79 -10.51 22.63 -36.88
CA LEU D 79 -9.33 22.47 -37.73
C LEU D 79 -8.11 22.13 -36.88
N LEU D 80 -7.49 20.98 -37.16
CA LEU D 80 -6.28 20.55 -36.45
C LEU D 80 -5.03 20.99 -37.21
N PHE D 81 -4.27 21.91 -36.61
CA PHE D 81 -3.11 22.56 -37.25
C PHE D 81 -1.79 21.88 -36.86
N LYS D 82 -0.83 21.83 -37.80
CA LYS D 82 0.56 21.39 -37.56
C LYS D 82 1.53 22.20 -38.42
N ASN D 83 2.46 22.91 -37.77
CA ASN D 83 3.45 23.79 -38.44
C ASN D 83 2.84 24.91 -39.31
N GLY D 84 1.69 25.44 -38.90
CA GLY D 84 0.98 26.46 -39.67
C GLY D 84 0.31 25.96 -40.95
N GLU D 85 0.00 24.67 -41.01
CA GLU D 85 -0.77 24.05 -42.11
C GLU D 85 -1.93 23.27 -41.52
N VAL D 86 -2.98 23.10 -42.31
CA VAL D 86 -4.19 22.39 -41.88
C VAL D 86 -4.09 20.91 -42.24
N ALA D 87 -3.86 20.08 -41.23
CA ALA D 87 -3.71 18.63 -41.44
C ALA D 87 -5.06 17.92 -41.62
N ALA D 88 -6.04 18.25 -40.78
CA ALA D 88 -7.38 17.60 -40.79
C ALA D 88 -8.50 18.54 -40.35
N THR D 89 -9.74 18.16 -40.67
CA THR D 89 -10.90 19.03 -40.52
C THR D 89 -12.18 18.26 -40.13
N LYS D 90 -12.96 18.79 -39.18
CA LYS D 90 -14.28 18.27 -38.80
C LYS D 90 -15.29 19.40 -38.57
N VAL D 91 -16.43 19.35 -39.27
CA VAL D 91 -17.50 20.35 -39.14
C VAL D 91 -18.76 19.67 -38.60
N GLY D 92 -19.37 20.29 -37.58
CA GLY D 92 -20.59 19.79 -36.95
C GLY D 92 -20.35 19.34 -35.53
N ALA D 93 -21.44 19.27 -34.76
CA ALA D 93 -21.40 18.88 -33.34
C ALA D 93 -21.23 17.37 -33.20
N LEU D 94 -20.41 16.96 -32.23
CA LEU D 94 -20.08 15.55 -32.00
C LEU D 94 -20.28 15.21 -30.53
N SER D 95 -20.44 13.92 -30.26
CA SER D 95 -20.32 13.38 -28.90
C SER D 95 -18.83 13.20 -28.56
N LYS D 96 -18.52 12.87 -27.31
CA LYS D 96 -17.13 12.67 -26.89
C LYS D 96 -16.48 11.47 -27.60
N GLY D 97 -17.22 10.36 -27.69
CA GLY D 97 -16.77 9.15 -28.38
C GLY D 97 -16.47 9.33 -29.86
N GLN D 98 -17.29 10.14 -30.53
CA GLN D 98 -17.07 10.50 -31.94
C GLN D 98 -15.85 11.41 -32.12
N LEU D 99 -15.67 12.36 -31.21
CA LEU D 99 -14.53 13.28 -31.25
C LEU D 99 -13.20 12.56 -30.97
N LYS D 100 -13.20 11.68 -29.97
CA LYS D 100 -12.00 10.89 -29.65
C LYS D 100 -11.57 10.00 -30.82
N GLU D 101 -12.53 9.41 -31.53
CA GLU D 101 -12.24 8.62 -32.73
C GLU D 101 -11.59 9.47 -33.84
N PHE D 102 -12.03 10.72 -33.99
CA PHE D 102 -11.43 11.65 -34.97
C PHE D 102 -9.99 12.04 -34.58
N LEU D 103 -9.80 12.40 -33.31
CA LEU D 103 -8.48 12.84 -32.82
C LEU D 103 -7.48 11.69 -32.70
N ASP D 104 -7.95 10.56 -32.16
CA ASP D 104 -7.11 9.37 -31.97
C ASP D 104 -6.72 8.72 -33.31
N ALA D 105 -7.61 8.77 -34.30
CA ALA D 105 -7.30 8.30 -35.67
C ALA D 105 -6.32 9.23 -36.38
N ASN D 106 -6.53 10.55 -36.29
CA ASN D 106 -5.70 11.52 -37.03
C ASN D 106 -4.31 11.79 -36.41
N LEU D 107 -4.19 11.67 -35.09
CA LEU D 107 -2.88 11.74 -34.43
C LEU D 107 -2.26 10.35 -34.44
N ALA D 108 -0.95 10.26 -34.65
CA ALA D 108 -0.23 8.97 -34.54
C ALA D 108 1.15 9.17 -33.95
N ALA E 2 6.08 6.34 -33.51
CA ALA E 2 7.37 6.61 -32.80
C ALA E 2 7.16 6.84 -31.29
N ALA E 3 6.26 7.76 -30.95
CA ALA E 3 5.82 7.94 -29.55
C ALA E 3 4.79 6.86 -29.17
N LYS E 4 4.15 6.27 -30.16
CA LYS E 4 3.17 5.19 -29.98
C LYS E 4 3.85 3.91 -29.49
N VAL E 5 4.96 3.56 -30.14
CA VAL E 5 5.76 2.38 -29.76
C VAL E 5 6.45 2.62 -28.41
N MET E 6 6.95 3.85 -28.20
CA MET E 6 7.59 4.25 -26.95
C MET E 6 6.69 4.07 -25.71
N SER E 7 5.41 4.40 -25.84
CA SER E 7 4.45 4.26 -24.72
C SER E 7 4.10 2.80 -24.43
N LEU E 8 3.94 2.00 -25.48
CA LEU E 8 3.78 0.54 -25.37
C LEU E 8 4.97 -0.13 -24.68
N LEU E 9 6.16 0.41 -24.93
CA LEU E 9 7.40 -0.11 -24.34
C LEU E 9 7.54 0.20 -22.83
N MET E 10 6.95 1.31 -22.38
CA MET E 10 6.89 1.63 -20.94
C MET E 10 5.91 0.70 -20.23
N ALA E 11 4.80 0.39 -20.88
CA ALA E 11 3.78 -0.48 -20.32
C ALA E 11 4.31 -1.87 -20.02
N LEU E 12 5.04 -2.48 -20.96
CA LEU E 12 5.60 -3.82 -20.71
C LEU E 12 6.68 -3.77 -19.62
N VAL E 13 7.48 -2.71 -19.60
CA VAL E 13 8.52 -2.54 -18.58
C VAL E 13 7.89 -2.62 -17.19
N VAL E 14 6.85 -1.82 -16.95
CA VAL E 14 6.12 -1.86 -15.68
C VAL E 14 5.53 -3.25 -15.42
N LEU E 15 4.96 -3.86 -16.45
CA LEU E 15 4.34 -5.18 -16.31
C LEU E 15 5.36 -6.24 -15.87
N LEU E 16 6.50 -6.25 -16.53
CA LEU E 16 7.58 -7.18 -16.17
C LEU E 16 8.10 -6.95 -14.76
N ILE E 17 8.34 -5.68 -14.40
CA ILE E 17 8.84 -5.37 -13.07
C ILE E 17 7.87 -5.83 -11.99
N VAL E 18 6.61 -5.47 -12.11
CA VAL E 18 5.65 -5.77 -11.04
C VAL E 18 5.39 -7.26 -11.02
N ALA E 19 5.14 -7.86 -12.18
CA ALA E 19 4.89 -9.30 -12.27
C ALA E 19 6.02 -10.09 -11.62
N GLY E 20 7.22 -9.94 -12.17
CA GLY E 20 8.41 -10.64 -11.69
C GLY E 20 8.58 -10.50 -10.19
N ASN E 21 8.70 -9.26 -9.72
CA ASN E 21 9.03 -9.02 -8.31
C ASN E 21 7.92 -9.49 -7.35
N VAL E 22 6.66 -9.34 -7.75
CA VAL E 22 5.53 -9.90 -6.97
C VAL E 22 5.62 -11.43 -6.89
N LEU E 23 6.04 -12.04 -7.98
CA LEU E 23 6.17 -13.50 -8.05
C LEU E 23 7.27 -14.04 -7.14
N VAL E 24 8.35 -13.28 -7.02
CA VAL E 24 9.47 -13.61 -6.12
C VAL E 24 9.07 -13.52 -4.65
N ILE E 25 8.51 -12.39 -4.26
CA ILE E 25 8.07 -12.18 -2.88
C ILE E 25 7.04 -13.24 -2.51
N ALA E 26 6.13 -13.54 -3.43
CA ALA E 26 5.13 -14.57 -3.24
C ALA E 26 5.78 -15.91 -2.98
N ALA E 27 6.72 -16.28 -3.85
CA ALA E 27 7.42 -17.55 -3.76
C ALA E 27 8.07 -17.71 -2.40
N ILE E 28 8.80 -16.68 -1.99
CA ILE E 28 9.56 -16.72 -0.75
C ILE E 28 8.63 -16.76 0.44
N GLY E 29 7.62 -15.92 0.45
CA GLY E 29 6.69 -15.87 1.58
C GLY E 29 5.86 -17.12 1.77
N SER E 30 5.57 -17.82 0.67
CA SER E 30 4.70 -18.98 0.68
C SER E 30 5.44 -20.30 0.89
N THR E 31 6.72 -20.36 0.56
CA THR E 31 7.50 -21.59 0.61
C THR E 31 8.52 -21.57 1.74
N GLN E 32 8.38 -22.52 2.68
CA GLN E 32 9.28 -22.62 3.84
C GLN E 32 10.71 -22.89 3.38
N ARG E 33 10.84 -23.67 2.33
CA ARG E 33 12.14 -24.02 1.77
C ARG E 33 12.92 -22.81 1.22
N LEU E 34 12.20 -21.78 0.75
CA LEU E 34 12.84 -20.59 0.15
C LEU E 34 13.29 -19.57 1.19
N GLN E 35 12.81 -19.69 2.42
CA GLN E 35 13.10 -18.71 3.46
C GLN E 35 14.49 -18.92 4.04
N THR E 36 15.51 -18.72 3.20
CA THR E 36 16.92 -18.82 3.61
C THR E 36 17.48 -17.44 3.92
N LEU E 37 18.77 -17.39 4.25
CA LEU E 37 19.46 -16.15 4.63
C LEU E 37 19.67 -15.27 3.40
N THR E 38 20.21 -15.87 2.33
CA THR E 38 20.42 -15.16 1.07
C THR E 38 19.10 -14.61 0.54
N ASN E 39 18.08 -15.45 0.49
CA ASN E 39 16.74 -15.02 0.03
C ASN E 39 16.06 -13.92 0.88
N LEU E 40 16.56 -13.72 2.10
CA LEU E 40 16.19 -12.54 2.90
C LEU E 40 16.65 -11.26 2.20
N PHE E 41 17.92 -11.24 1.80
CA PHE E 41 18.45 -10.14 0.99
C PHE E 41 17.73 -10.03 -0.34
N ILE E 42 17.47 -11.16 -1.01
CA ILE E 42 16.70 -11.16 -2.26
C ILE E 42 15.32 -10.54 -2.04
N THR E 43 14.72 -10.80 -0.88
CA THR E 43 13.43 -10.23 -0.57
C THR E 43 13.51 -8.69 -0.48
N SER E 44 14.59 -8.17 0.10
CA SER E 44 14.81 -6.71 0.16
C SER E 44 14.92 -6.13 -1.24
N LEU E 45 15.70 -6.81 -2.09
CA LEU E 45 15.87 -6.41 -3.47
C LEU E 45 14.53 -6.34 -4.18
N ALA E 46 13.70 -7.38 -4.01
CA ALA E 46 12.41 -7.44 -4.70
C ALA E 46 11.44 -6.37 -4.24
N CYS E 47 11.48 -6.04 -2.95
CA CYS E 47 10.69 -4.95 -2.44
C CYS E 47 11.07 -3.64 -3.15
N ALA E 48 12.36 -3.39 -3.26
CA ALA E 48 12.87 -2.15 -3.85
C ALA E 48 12.45 -2.02 -5.29
N ASP E 49 12.65 -3.08 -6.05
CA ASP E 49 12.33 -3.08 -7.48
C ASP E 49 10.82 -3.00 -7.71
N LEU E 50 10.04 -3.61 -6.82
CA LEU E 50 8.58 -3.56 -6.89
C LEU E 50 8.07 -2.14 -6.73
N VAL E 51 8.62 -1.39 -5.78
CA VAL E 51 8.20 0.00 -5.56
C VAL E 51 8.64 0.87 -6.73
N VAL E 52 9.71 0.48 -7.43
CA VAL E 52 10.12 1.14 -8.67
C VAL E 52 9.02 0.99 -9.72
N GLY E 53 8.54 -0.24 -9.91
CA GLY E 53 7.48 -0.51 -10.88
C GLY E 53 6.09 0.06 -10.56
N LEU E 54 5.70 0.05 -9.29
CA LEU E 54 4.38 0.55 -8.88
C LEU E 54 4.25 2.06 -8.88
N LEU E 55 5.29 2.77 -8.45
CA LEU E 55 5.23 4.22 -8.24
C LEU E 55 6.22 5.00 -9.08
N VAL E 56 7.49 4.63 -9.05
CA VAL E 56 8.54 5.46 -9.65
C VAL E 56 8.42 5.50 -11.17
N VAL E 57 8.30 4.34 -11.80
CA VAL E 57 8.26 4.29 -13.26
C VAL E 57 6.96 4.85 -13.86
N PRO E 58 5.77 4.57 -13.26
CA PRO E 58 4.50 5.13 -13.77
C PRO E 58 4.42 6.66 -13.80
N PHE E 59 4.77 7.30 -12.69
CA PHE E 59 4.90 8.76 -12.61
C PHE E 59 5.95 9.25 -13.59
N GLY E 60 7.01 8.49 -13.77
CA GLY E 60 8.00 8.74 -14.81
C GLY E 60 7.41 8.69 -16.21
N ALA E 61 6.65 7.65 -16.50
CA ALA E 61 6.06 7.42 -17.83
C ALA E 61 5.18 8.56 -18.30
N THR E 62 4.49 9.21 -17.34
CA THR E 62 3.60 10.33 -17.65
C THR E 62 4.39 11.56 -18.06
N LEU E 63 5.46 11.84 -17.33
CA LEU E 63 6.33 12.98 -17.64
C LEU E 63 6.92 12.94 -19.07
N VAL E 64 7.05 11.73 -19.64
CA VAL E 64 7.45 11.58 -21.05
C VAL E 64 6.27 11.86 -21.98
N VAL E 65 5.11 11.30 -21.65
CA VAL E 65 3.90 11.41 -22.49
C VAL E 65 3.36 12.86 -22.53
N ARG E 66 3.15 13.44 -21.36
CA ARG E 66 2.61 14.80 -21.22
C ARG E 66 3.68 15.88 -21.48
N GLY E 67 4.95 15.57 -21.21
CA GLY E 67 6.01 16.57 -21.27
C GLY E 67 5.94 17.60 -20.15
N THR E 68 5.25 17.30 -19.05
CA THR E 68 5.19 18.20 -17.90
C THR E 68 4.64 17.49 -16.64
N TRP E 69 5.00 18.02 -15.48
CA TRP E 69 4.61 17.45 -14.21
C TRP E 69 3.22 17.93 -13.81
N LEU E 70 2.26 17.00 -13.77
CA LEU E 70 0.86 17.32 -13.53
C LEU E 70 0.43 17.28 -12.07
N TRP E 71 1.32 16.91 -11.14
CA TRP E 71 0.93 16.66 -9.72
C TRP E 71 1.56 17.58 -8.66
N GLY E 72 2.05 18.74 -9.10
CA GLY E 72 2.48 19.78 -8.17
C GLY E 72 3.82 19.54 -7.49
N SER E 73 4.42 20.63 -7.01
CA SER E 73 5.79 20.62 -6.52
C SER E 73 6.09 19.62 -5.41
N PHE E 74 5.12 19.36 -4.54
CA PHE E 74 5.34 18.45 -3.42
C PHE E 74 5.52 17.01 -3.92
N LEU E 75 4.57 16.53 -4.69
CA LEU E 75 4.67 15.19 -5.25
C LEU E 75 5.82 15.02 -6.23
N CYS E 76 6.31 16.10 -6.81
CA CYS E 76 7.57 16.04 -7.55
C CYS E 76 8.69 15.71 -6.57
N GLU E 77 8.82 16.53 -5.53
CA GLU E 77 9.86 16.31 -4.51
C GLU E 77 9.82 14.89 -3.93
N LEU E 78 8.62 14.40 -3.64
CA LEU E 78 8.44 13.09 -3.04
C LEU E 78 8.81 11.98 -4.03
N TRP E 79 8.27 12.05 -5.23
CA TRP E 79 8.61 11.10 -6.29
C TRP E 79 10.10 11.04 -6.54
N THR E 80 10.77 12.18 -6.53
CA THR E 80 12.24 12.22 -6.69
C THR E 80 12.90 11.51 -5.52
N SER E 81 12.48 11.80 -4.29
CA SER E 81 13.00 11.12 -3.11
C SER E 81 12.72 9.61 -3.12
N LEU E 82 11.54 9.22 -3.56
CA LEU E 82 11.17 7.81 -3.65
C LEU E 82 12.00 7.09 -4.71
N ASP E 83 12.31 7.78 -5.81
CA ASP E 83 13.16 7.21 -6.86
C ASP E 83 14.54 6.98 -6.32
N VAL E 84 15.15 8.02 -5.77
CA VAL E 84 16.52 7.90 -5.29
C VAL E 84 16.61 6.80 -4.24
N LEU E 85 15.69 6.79 -3.26
CA LEU E 85 15.61 5.75 -2.23
C LEU E 85 15.59 4.34 -2.82
N CYS E 86 14.65 4.08 -3.72
CA CYS E 86 14.48 2.72 -4.26
C CYS E 86 15.67 2.24 -5.11
N VAL E 87 16.27 3.14 -5.86
CA VAL E 87 17.44 2.81 -6.67
C VAL E 87 18.63 2.55 -5.75
N THR E 88 18.83 3.41 -4.77
CA THR E 88 19.90 3.20 -3.78
C THR E 88 19.74 1.89 -3.03
N ALA E 89 18.53 1.58 -2.58
CA ALA E 89 18.25 0.32 -1.89
C ALA E 89 18.45 -0.88 -2.79
N SER E 90 18.00 -0.77 -4.04
CA SER E 90 18.18 -1.86 -4.99
C SER E 90 19.64 -2.18 -5.21
N ILE E 91 20.42 -1.18 -5.59
CA ILE E 91 21.84 -1.39 -5.94
C ILE E 91 22.67 -1.75 -4.69
N GLU E 92 22.51 -1.03 -3.59
CA GLU E 92 23.21 -1.40 -2.36
C GLU E 92 22.86 -2.81 -1.90
N THR E 93 21.62 -3.27 -2.11
CA THR E 93 21.24 -4.66 -1.80
C THR E 93 21.89 -5.66 -2.76
N LEU E 94 22.10 -5.29 -4.02
CA LEU E 94 22.91 -6.12 -4.94
C LEU E 94 24.31 -6.31 -4.41
N CYS E 95 24.87 -5.24 -3.87
CA CYS E 95 26.18 -5.24 -3.23
C CYS E 95 26.25 -6.15 -2.00
N VAL E 96 25.19 -6.19 -1.19
CA VAL E 96 25.16 -7.05 -0.01
C VAL E 96 25.07 -8.53 -0.42
N ILE E 97 24.25 -8.81 -1.44
CA ILE E 97 24.13 -10.16 -2.02
C ILE E 97 25.47 -10.67 -2.53
N ALA E 98 26.25 -9.81 -3.20
CA ALA E 98 27.60 -10.21 -3.63
C ALA E 98 28.48 -10.60 -2.44
N ILE E 99 28.47 -9.79 -1.39
CA ILE E 99 29.22 -10.09 -0.17
C ILE E 99 28.72 -11.39 0.44
N ASP E 100 27.40 -11.53 0.56
CA ASP E 100 26.78 -12.73 1.14
C ASP E 100 27.26 -13.99 0.45
N ARG E 101 27.09 -14.05 -0.86
CA ARG E 101 27.50 -15.21 -1.65
C ARG E 101 29.00 -15.42 -1.66
N TYR E 102 29.76 -14.35 -1.58
CA TYR E 102 31.22 -14.49 -1.47
C TYR E 102 31.64 -15.25 -0.22
N LEU E 103 31.11 -14.87 0.93
CA LEU E 103 31.43 -15.56 2.19
C LEU E 103 30.91 -16.99 2.21
N ALA E 104 29.68 -17.18 1.76
CA ALA E 104 29.05 -18.50 1.73
C ALA E 104 29.77 -19.51 0.79
N ILE E 105 30.41 -19.01 -0.26
CA ILE E 105 31.13 -19.84 -1.22
C ILE E 105 32.59 -20.07 -0.84
N THR E 106 33.25 -19.06 -0.28
CA THR E 106 34.69 -19.15 0.02
C THR E 106 35.00 -19.52 1.46
N SER E 107 34.16 -19.10 2.41
CA SER E 107 34.39 -19.36 3.84
C SER E 107 33.10 -19.81 4.53
N PRO E 108 32.49 -20.90 4.01
CA PRO E 108 31.13 -21.27 4.38
C PRO E 108 30.88 -21.53 5.84
N PHE E 109 31.89 -22.07 6.54
CA PHE E 109 31.70 -22.50 7.93
C PHE E 109 31.79 -21.29 8.85
N ARG E 110 32.75 -20.41 8.57
CA ARG E 110 32.85 -19.14 9.28
C ARG E 110 31.58 -18.33 9.08
N TYR E 111 31.12 -18.25 7.82
CA TYR E 111 29.89 -17.54 7.47
C TYR E 111 28.64 -17.93 8.29
N GLN E 112 28.44 -19.23 8.49
CA GLN E 112 27.21 -19.70 9.16
C GLN E 112 27.07 -19.24 10.60
N SER E 113 28.17 -19.31 11.34
CA SER E 113 28.21 -18.81 12.71
C SER E 113 28.25 -17.27 12.75
N LEU E 114 28.96 -16.66 11.80
CA LEU E 114 29.12 -15.20 11.75
C LEU E 114 27.83 -14.46 11.34
N MET E 115 27.16 -14.92 10.29
CA MET E 115 25.96 -14.27 9.80
C MET E 115 24.71 -14.96 10.28
N THR E 116 23.97 -14.30 11.17
CA THR E 116 22.70 -14.82 11.64
C THR E 116 21.54 -14.13 10.92
N ARG E 117 20.34 -14.66 11.11
CA ARG E 117 19.12 -14.05 10.61
C ARG E 117 18.91 -12.64 11.23
N ALA E 118 19.18 -12.53 12.52
CA ALA E 118 19.08 -11.25 13.22
C ALA E 118 20.09 -10.23 12.67
N ARG E 119 21.29 -10.70 12.32
CA ARG E 119 22.32 -9.83 11.76
C ARG E 119 21.93 -9.36 10.34
N ALA E 120 21.38 -10.27 9.54
CA ALA E 120 20.95 -9.93 8.18
C ALA E 120 19.83 -8.87 8.19
N LYS E 121 18.89 -8.98 9.14
CA LYS E 121 17.83 -7.97 9.28
C LYS E 121 18.40 -6.57 9.55
N VAL E 122 19.40 -6.52 10.43
CA VAL E 122 20.06 -5.25 10.72
C VAL E 122 20.75 -4.72 9.47
N ILE E 123 21.43 -5.59 8.72
CA ILE E 123 22.07 -5.16 7.47
C ILE E 123 21.02 -4.61 6.50
N ILE E 124 19.89 -5.30 6.39
CA ILE E 124 18.83 -4.85 5.50
C ILE E 124 18.26 -3.51 5.96
N CYS E 125 17.93 -3.41 7.25
CA CYS E 125 17.40 -2.16 7.80
C CYS E 125 18.37 -0.99 7.61
N THR E 126 19.66 -1.25 7.81
CA THR E 126 20.71 -0.28 7.53
C THR E 126 20.69 0.20 6.09
N VAL E 127 20.62 -0.74 5.15
CA VAL E 127 20.62 -0.38 3.71
C VAL E 127 19.48 0.60 3.42
N TRP E 128 18.27 0.32 3.91
CA TRP E 128 17.15 1.20 3.69
C TRP E 128 17.26 2.53 4.44
N ALA E 129 17.84 2.51 5.63
CA ALA E 129 18.08 3.76 6.37
C ALA E 129 19.07 4.67 5.64
N ILE E 130 20.08 4.08 5.02
CA ILE E 130 21.04 4.84 4.20
C ILE E 130 20.38 5.38 2.92
N SER E 131 19.56 4.56 2.27
CA SER E 131 18.78 5.00 1.11
C SER E 131 17.91 6.22 1.45
N ALA E 132 17.19 6.12 2.56
CA ALA E 132 16.34 7.21 3.06
C ALA E 132 17.12 8.51 3.30
N LEU E 133 18.24 8.39 4.01
CA LEU E 133 19.05 9.55 4.37
C LEU E 133 19.77 10.21 3.19
N VAL E 134 19.96 9.49 2.09
CA VAL E 134 20.56 10.07 0.88
C VAL E 134 19.48 10.65 -0.04
N SER E 135 18.25 10.16 0.08
CA SER E 135 17.15 10.61 -0.78
C SER E 135 16.23 11.61 -0.11
N PHE E 136 15.45 11.17 0.88
CA PHE E 136 14.40 12.01 1.46
C PHE E 136 14.99 13.18 2.20
N LEU E 137 15.94 12.93 3.09
CA LEU E 137 16.50 14.00 3.89
C LEU E 137 17.06 15.18 3.05
N PRO E 138 17.93 14.90 2.06
CA PRO E 138 18.46 16.04 1.31
C PRO E 138 17.48 16.67 0.31
N ILE E 139 16.57 15.89 -0.25
CA ILE E 139 15.67 16.40 -1.27
C ILE E 139 14.52 17.21 -0.66
N MET E 140 13.93 16.70 0.41
CA MET E 140 12.87 17.43 1.11
C MET E 140 13.44 18.70 1.75
N MET E 141 14.57 18.61 2.45
CA MET E 141 15.21 19.79 3.05
C MET E 141 15.85 20.78 2.05
N HIS E 142 15.72 20.50 0.74
CA HIS E 142 16.25 21.37 -0.33
C HIS E 142 17.78 21.39 -0.40
N TRP E 143 18.47 20.43 0.23
CA TRP E 143 19.94 20.38 0.19
C TRP E 143 20.43 20.02 -1.20
N TRP E 144 19.65 19.22 -1.92
CA TRP E 144 19.97 18.86 -3.30
C TRP E 144 19.96 20.03 -4.31
N ARG E 145 19.33 21.14 -3.94
CA ARG E 145 19.12 22.32 -4.82
C ARG E 145 20.41 22.99 -5.32
N ASP E 146 20.45 23.29 -6.61
CA ASP E 146 21.51 24.11 -7.22
C ASP E 146 21.17 25.60 -7.11
N GLU E 147 22.20 26.45 -6.94
CA GLU E 147 22.03 27.92 -6.86
C GLU E 147 21.69 28.55 -8.22
N ASP E 148 22.25 27.98 -9.30
CA ASP E 148 22.04 28.43 -10.68
C ASP E 148 20.63 28.97 -10.94
N PRO E 149 20.51 30.12 -11.65
CA PRO E 149 19.17 30.71 -11.86
C PRO E 149 18.24 29.87 -12.76
N GLN E 150 18.77 29.27 -13.83
CA GLN E 150 17.96 28.41 -14.72
C GLN E 150 17.45 27.15 -14.02
N ALA E 151 18.27 26.57 -13.15
CA ALA E 151 17.85 25.48 -12.25
C ALA E 151 16.77 25.96 -11.30
N LEU E 152 17.00 27.14 -10.72
CA LEU E 152 16.06 27.79 -9.79
C LEU E 152 14.72 28.18 -10.46
N LYS E 153 14.71 28.30 -11.79
CA LYS E 153 13.45 28.42 -12.56
C LYS E 153 12.62 27.14 -12.56
N CYS E 154 13.28 25.98 -12.63
CA CYS E 154 12.60 24.67 -12.55
C CYS E 154 12.06 24.35 -11.15
N TYR E 155 12.75 24.82 -10.13
CA TYR E 155 12.27 24.66 -8.75
C TYR E 155 11.02 25.51 -8.46
N GLN E 156 10.92 26.68 -9.11
CA GLN E 156 9.75 27.57 -8.96
C GLN E 156 8.55 27.12 -9.82
N ASP E 157 8.80 26.61 -11.03
CA ASP E 157 7.75 26.03 -11.89
C ASP E 157 7.27 24.67 -11.31
N PRO E 158 5.96 24.56 -10.95
CA PRO E 158 5.43 23.26 -10.51
C PRO E 158 5.24 22.23 -11.64
N GLY E 159 5.21 22.71 -12.88
CA GLY E 159 5.19 21.85 -14.06
C GLY E 159 6.54 21.29 -14.42
N CYS E 160 7.61 21.87 -13.87
CA CYS E 160 8.98 21.36 -14.06
C CYS E 160 9.40 20.46 -12.87
N CYS E 161 9.85 19.25 -13.23
CA CYS E 161 10.34 18.24 -12.29
C CYS E 161 11.58 17.59 -12.90
N ASP E 162 12.47 18.40 -13.45
CA ASP E 162 13.76 17.93 -13.94
C ASP E 162 14.65 17.63 -12.75
N PHE E 163 15.61 16.74 -12.98
CA PHE E 163 16.56 16.35 -11.96
C PHE E 163 17.81 17.21 -12.11
N VAL E 164 17.86 18.26 -11.31
CA VAL E 164 18.98 19.20 -11.34
C VAL E 164 19.48 19.36 -9.91
N THR E 165 20.77 19.10 -9.71
CA THR E 165 21.38 19.06 -8.38
C THR E 165 22.60 19.95 -8.32
N ASN E 166 22.99 20.32 -7.11
CA ASN E 166 24.33 20.88 -6.89
C ASN E 166 25.42 19.84 -7.16
N ARG E 167 26.68 20.28 -7.11
CA ARG E 167 27.83 19.39 -7.28
C ARG E 167 27.84 18.29 -6.22
N ALA E 168 27.88 18.72 -4.95
CA ALA E 168 28.03 17.84 -3.78
C ALA E 168 27.05 16.68 -3.77
N TYR E 169 25.78 17.00 -3.98
CA TYR E 169 24.74 15.98 -3.91
C TYR E 169 24.88 14.98 -5.04
N ALA E 170 25.13 15.42 -6.27
CA ALA E 170 25.18 14.47 -7.38
C ALA E 170 26.38 13.56 -7.27
N ILE E 171 27.49 14.09 -6.78
CA ILE E 171 28.67 13.26 -6.49
C ILE E 171 28.36 12.27 -5.37
N ALA E 172 28.00 12.79 -4.19
CA ALA E 172 27.71 11.97 -3.00
C ALA E 172 26.63 10.90 -3.24
N SER E 173 25.51 11.30 -3.83
CA SER E 173 24.40 10.36 -4.11
C SER E 173 24.82 9.30 -5.11
N SER E 174 25.62 9.67 -6.10
CA SER E 174 26.09 8.69 -7.11
C SER E 174 27.09 7.71 -6.52
N ILE E 175 27.98 8.21 -5.66
CA ILE E 175 28.94 7.36 -4.94
C ILE E 175 28.19 6.39 -4.02
N ILE E 176 27.25 6.89 -3.23
CA ILE E 176 26.55 6.08 -2.24
C ILE E 176 25.57 5.10 -2.91
N SER E 177 24.88 5.55 -3.94
CA SER E 177 23.93 4.66 -4.63
C SER E 177 24.59 3.67 -5.59
N PHE E 178 25.70 4.05 -6.22
CA PHE E 178 26.23 3.26 -7.34
C PHE E 178 27.71 2.89 -7.26
N TYR E 179 28.59 3.87 -7.06
CA TYR E 179 30.03 3.64 -7.20
C TYR E 179 30.63 2.79 -6.09
N ILE E 180 30.35 3.08 -4.82
CA ILE E 180 30.81 2.22 -3.72
C ILE E 180 30.26 0.78 -3.88
N PRO E 181 28.92 0.62 -4.09
CA PRO E 181 28.38 -0.69 -4.44
C PRO E 181 29.10 -1.41 -5.57
N LEU E 182 29.33 -0.69 -6.67
CA LEU E 182 30.02 -1.24 -7.82
C LEU E 182 31.40 -1.69 -7.44
N LEU E 183 32.18 -0.84 -6.77
CA LEU E 183 33.55 -1.23 -6.38
C LEU E 183 33.57 -2.46 -5.50
N ILE E 184 32.67 -2.52 -4.53
CA ILE E 184 32.57 -3.68 -3.65
C ILE E 184 32.21 -4.91 -4.49
N MET E 185 31.22 -4.79 -5.36
CA MET E 185 30.84 -5.91 -6.23
C MET E 185 31.97 -6.40 -7.14
N ILE E 186 32.81 -5.50 -7.64
CA ILE E 186 33.95 -5.88 -8.49
C ILE E 186 34.99 -6.60 -7.65
N PHE E 187 35.41 -5.96 -6.56
CA PHE E 187 36.41 -6.53 -5.65
C PHE E 187 36.02 -7.92 -5.15
N VAL E 188 34.78 -8.05 -4.67
CA VAL E 188 34.26 -9.28 -4.07
C VAL E 188 34.20 -10.40 -5.12
N TYR E 189 33.45 -10.18 -6.20
CA TYR E 189 33.30 -11.21 -7.23
C TYR E 189 34.61 -11.51 -7.96
N LEU E 190 35.60 -10.60 -7.87
CA LEU E 190 36.93 -10.87 -8.38
C LEU E 190 37.64 -11.91 -7.51
N ARG E 191 37.55 -11.75 -6.18
CA ARG E 191 38.10 -12.75 -5.26
C ARG E 191 37.46 -14.13 -5.46
N VAL E 192 36.16 -14.22 -5.79
CA VAL E 192 35.53 -15.51 -6.14
C VAL E 192 36.19 -16.11 -7.38
N TYR E 193 36.37 -15.30 -8.42
CA TYR E 193 37.01 -15.78 -9.63
C TYR E 193 38.44 -16.22 -9.36
N ARG E 194 39.19 -15.39 -8.66
CA ARG E 194 40.57 -15.72 -8.28
C ARG E 194 40.65 -17.01 -7.44
N GLU E 195 39.76 -17.11 -6.44
CA GLU E 195 39.74 -18.28 -5.55
C GLU E 195 39.46 -19.56 -6.34
N ALA E 196 38.50 -19.48 -7.25
CA ALA E 196 38.11 -20.62 -8.10
C ALA E 196 39.20 -20.99 -9.09
N LYS E 197 39.82 -20.01 -9.72
CA LYS E 197 40.94 -20.26 -10.64
C LYS E 197 42.15 -20.81 -9.89
N GLU E 198 42.42 -20.27 -8.69
CA GLU E 198 43.55 -20.73 -7.88
C GLU E 198 43.34 -22.14 -7.35
N GLN E 199 42.10 -22.53 -7.10
CA GLN E 199 41.78 -23.88 -6.66
C GLN E 199 41.91 -24.89 -7.80
N ILE E 200 41.48 -24.52 -9.01
CA ILE E 200 41.66 -25.37 -10.21
C ILE E 200 43.15 -25.60 -10.48
N ARG E 201 43.96 -24.57 -10.22
CA ARG E 201 45.41 -24.68 -10.34
C ARG E 201 45.99 -25.71 -9.36
N LYS E 202 45.54 -25.71 -8.11
CA LYS E 202 46.00 -26.68 -7.11
C LYS E 202 45.59 -28.12 -7.41
N ILE E 203 44.43 -28.31 -8.05
CA ILE E 203 43.96 -29.65 -8.49
C ILE E 203 44.88 -30.23 -9.58
N ASP E 204 45.39 -29.37 -10.46
CA ASP E 204 46.27 -29.81 -11.55
C ASP E 204 47.68 -30.15 -11.04
N ARG E 205 48.14 -29.40 -10.04
CA ARG E 205 49.38 -29.69 -9.32
C ARG E 205 49.31 -31.01 -8.54
N ALA E 206 48.12 -31.37 -8.07
CA ALA E 206 47.89 -32.65 -7.39
C ALA E 206 48.06 -33.86 -8.34
N SER E 207 47.56 -33.72 -9.57
CA SER E 207 47.74 -34.72 -10.64
C SER E 207 49.22 -34.94 -10.94
N MET E 215 37.97 -26.54 -19.59
CA MET E 215 37.12 -26.21 -18.46
C MET E 215 35.93 -27.16 -18.48
N ALA E 216 35.43 -27.51 -17.30
CA ALA E 216 34.27 -28.39 -17.18
C ALA E 216 32.98 -27.60 -17.35
N MET E 217 31.87 -28.33 -17.43
CA MET E 217 30.51 -27.77 -17.53
C MET E 217 30.26 -26.71 -16.45
N LYS E 218 30.55 -27.05 -15.21
CA LYS E 218 30.29 -26.15 -14.07
C LYS E 218 31.11 -24.87 -14.14
N GLU E 219 32.34 -24.94 -14.64
CA GLU E 219 33.22 -23.77 -14.70
C GLU E 219 32.82 -22.81 -15.83
N HIS E 220 32.37 -23.33 -16.97
CA HIS E 220 31.84 -22.48 -18.04
C HIS E 220 30.59 -21.73 -17.56
N LYS E 221 29.66 -22.48 -16.97
CA LYS E 221 28.39 -21.94 -16.48
C LYS E 221 28.57 -20.85 -15.41
N ALA E 222 29.51 -21.07 -14.48
CA ALA E 222 29.78 -20.11 -13.39
C ALA E 222 30.36 -18.83 -13.90
N LEU E 223 31.14 -18.93 -14.98
CA LEU E 223 31.77 -17.78 -15.58
C LEU E 223 30.77 -16.95 -16.40
N LYS E 224 29.84 -17.64 -17.07
CA LYS E 224 28.71 -16.97 -17.74
C LYS E 224 27.84 -16.21 -16.72
N THR E 225 27.49 -16.90 -15.64
CA THR E 225 26.72 -16.33 -14.54
C THR E 225 27.39 -15.07 -13.98
N LEU E 226 28.68 -15.15 -13.70
CA LEU E 226 29.45 -13.98 -13.24
C LEU E 226 29.44 -12.84 -14.26
N GLY E 227 29.41 -13.21 -15.53
CA GLY E 227 29.28 -12.25 -16.61
C GLY E 227 27.95 -11.54 -16.60
N ILE E 228 26.87 -12.31 -16.51
CA ILE E 228 25.54 -11.74 -16.51
C ILE E 228 25.31 -10.86 -15.27
N ILE E 229 25.79 -11.30 -14.11
CA ILE E 229 25.63 -10.55 -12.86
C ILE E 229 26.25 -9.16 -13.00
N MET E 230 27.56 -9.11 -13.31
CA MET E 230 28.27 -7.84 -13.46
C MET E 230 27.94 -7.10 -14.75
N GLY E 231 27.64 -7.84 -15.81
CA GLY E 231 27.34 -7.24 -17.11
C GLY E 231 26.05 -6.44 -17.14
N VAL E 232 24.95 -7.08 -16.74
CA VAL E 232 23.62 -6.48 -16.80
C VAL E 232 23.50 -5.34 -15.79
N PHE E 233 24.00 -5.55 -14.56
CA PHE E 233 24.07 -4.46 -13.57
C PHE E 233 24.80 -3.24 -14.11
N THR E 234 25.96 -3.46 -14.74
CA THR E 234 26.80 -2.34 -15.19
C THR E 234 26.24 -1.72 -16.48
N LEU E 235 25.91 -2.54 -17.47
CA LEU E 235 25.23 -2.04 -18.67
C LEU E 235 24.05 -1.13 -18.31
N CYS E 236 23.20 -1.57 -17.38
CA CYS E 236 21.98 -0.83 -17.01
C CYS E 236 22.21 0.49 -16.25
N TRP E 237 23.10 0.49 -15.26
CA TRP E 237 23.27 1.65 -14.37
C TRP E 237 24.54 2.46 -14.60
N LEU E 238 25.56 1.92 -15.26
CA LEU E 238 26.80 2.70 -15.50
C LEU E 238 26.62 3.92 -16.41
N PRO E 239 25.89 3.76 -17.55
CA PRO E 239 25.67 4.92 -18.42
C PRO E 239 25.04 6.11 -17.69
N PHE E 240 23.90 5.89 -17.05
CA PHE E 240 23.21 6.95 -16.33
C PHE E 240 24.07 7.62 -15.25
N PHE E 241 24.72 6.82 -14.41
CA PHE E 241 25.50 7.35 -13.27
C PHE E 241 26.82 8.00 -13.68
N LEU E 242 27.31 7.63 -14.86
CA LEU E 242 28.46 8.29 -15.48
C LEU E 242 28.00 9.71 -15.90
N VAL E 243 26.93 9.76 -16.69
CA VAL E 243 26.33 11.00 -17.19
C VAL E 243 25.88 11.93 -16.06
N ASN E 244 25.38 11.36 -14.98
CA ASN E 244 24.92 12.12 -13.80
C ASN E 244 26.06 12.94 -13.13
N ILE E 245 27.29 12.44 -13.15
CA ILE E 245 28.46 13.21 -12.67
C ILE E 245 28.92 14.22 -13.72
N VAL E 246 28.89 13.80 -14.99
CA VAL E 246 29.22 14.65 -16.14
C VAL E 246 28.39 15.96 -16.11
N ASN E 247 27.08 15.84 -15.89
CA ASN E 247 26.19 17.00 -15.82
C ASN E 247 26.59 18.07 -14.81
N VAL E 248 27.12 17.66 -13.66
CA VAL E 248 27.57 18.59 -12.61
C VAL E 248 28.71 19.51 -13.05
N PHE E 249 29.56 19.02 -13.97
CA PHE E 249 30.65 19.83 -14.50
C PHE E 249 30.23 20.49 -15.84
N ASN E 250 30.35 19.80 -16.98
CA ASN E 250 30.02 20.39 -18.30
C ASN E 250 28.59 20.03 -18.72
N ARG E 251 27.64 20.89 -18.37
CA ARG E 251 26.20 20.56 -18.45
C ARG E 251 25.64 20.35 -19.88
N ASP E 252 26.23 20.97 -20.91
CA ASP E 252 25.68 20.89 -22.28
C ASP E 252 26.05 19.62 -23.03
N LEU E 253 27.19 19.02 -22.68
CA LEU E 253 27.77 17.89 -23.43
C LEU E 253 26.75 16.80 -23.83
N VAL E 254 25.94 16.38 -22.86
CA VAL E 254 24.96 15.30 -23.05
C VAL E 254 23.54 15.87 -23.15
N PRO E 255 22.76 15.46 -24.17
CA PRO E 255 21.37 15.95 -24.24
C PRO E 255 20.46 15.46 -23.10
N ASP E 256 19.30 16.09 -22.95
CA ASP E 256 18.34 15.71 -21.91
C ASP E 256 17.60 14.42 -22.26
N TRP E 257 17.22 14.24 -23.53
CA TRP E 257 16.55 13.01 -23.98
C TRP E 257 17.41 11.75 -23.74
N LEU E 258 18.74 11.86 -23.85
CA LEU E 258 19.66 10.74 -23.59
C LEU E 258 19.74 10.45 -22.09
N PHE E 259 20.02 11.49 -21.30
CA PHE E 259 20.07 11.38 -19.83
C PHE E 259 18.87 10.63 -19.27
N VAL E 260 17.67 11.04 -19.69
CA VAL E 260 16.44 10.38 -19.25
C VAL E 260 16.38 8.95 -19.80
N ALA E 261 16.77 8.75 -21.05
CA ALA E 261 16.79 7.41 -21.65
C ALA E 261 17.77 6.46 -20.94
N PHE E 262 18.90 6.97 -20.47
CA PHE E 262 19.82 6.18 -19.63
C PHE E 262 19.22 5.86 -18.26
N ASN E 263 18.42 6.77 -17.70
CA ASN E 263 17.70 6.49 -16.45
C ASN E 263 16.64 5.40 -16.66
N TRP E 264 15.99 5.36 -17.82
CA TRP E 264 15.03 4.29 -18.12
C TRP E 264 15.72 2.92 -18.21
N LEU E 265 16.94 2.91 -18.75
CA LEU E 265 17.75 1.69 -18.82
C LEU E 265 18.05 1.14 -17.42
N GLY E 266 18.32 2.02 -16.46
CA GLY E 266 18.48 1.65 -15.05
C GLY E 266 17.23 1.01 -14.43
N TYR E 267 16.07 1.57 -14.72
CA TYR E 267 14.81 0.96 -14.26
C TYR E 267 14.61 -0.43 -14.86
N ALA E 268 15.20 -0.68 -16.04
CA ALA E 268 15.12 -2.01 -16.68
C ALA E 268 15.78 -3.10 -15.84
N ASN E 269 16.89 -2.76 -15.18
CA ASN E 269 17.58 -3.67 -14.25
C ASN E 269 16.61 -4.24 -13.20
N SER E 270 15.66 -3.43 -12.73
CA SER E 270 14.66 -3.89 -11.77
C SER E 270 13.78 -5.03 -12.29
N ALA E 271 13.60 -5.12 -13.61
CA ALA E 271 12.91 -6.26 -14.24
C ALA E 271 13.84 -7.45 -14.45
N MET E 272 15.12 -7.15 -14.68
CA MET E 272 16.14 -8.17 -14.85
C MET E 272 16.47 -8.95 -13.59
N ASN E 273 16.46 -8.29 -12.43
CA ASN E 273 16.93 -8.92 -11.18
C ASN E 273 16.24 -10.24 -10.79
N PRO E 274 14.89 -10.31 -10.85
CA PRO E 274 14.24 -11.61 -10.60
C PRO E 274 14.76 -12.76 -11.49
N ILE E 275 15.02 -12.46 -12.75
CA ILE E 275 15.49 -13.45 -13.71
C ILE E 275 16.90 -13.94 -13.35
N ILE E 276 17.76 -13.05 -12.85
CA ILE E 276 19.14 -13.38 -12.53
C ILE E 276 19.23 -14.13 -11.20
N TYR E 277 18.67 -13.52 -10.16
CA TYR E 277 18.91 -13.95 -8.79
C TYR E 277 17.87 -14.91 -8.21
N CYS E 278 16.95 -15.44 -9.02
CA CYS E 278 15.96 -16.40 -8.52
C CYS E 278 15.82 -17.61 -9.43
N ARG E 279 16.96 -18.13 -9.87
CA ARG E 279 17.02 -19.30 -10.78
C ARG E 279 17.14 -20.65 -10.05
N SER E 280 17.19 -20.63 -8.72
CA SER E 280 17.41 -21.87 -7.95
C SER E 280 16.30 -22.89 -8.27
N PRO E 281 16.62 -24.21 -8.19
CA PRO E 281 15.61 -25.22 -8.44
C PRO E 281 14.41 -25.11 -7.52
N ASP E 282 14.63 -24.70 -6.27
CA ASP E 282 13.52 -24.37 -5.35
C ASP E 282 12.67 -23.17 -5.82
N PHE E 283 13.31 -22.13 -6.36
CA PHE E 283 12.56 -21.02 -6.98
C PHE E 283 11.76 -21.52 -8.19
N ARG E 284 12.38 -22.30 -9.06
CA ARG E 284 11.70 -22.81 -10.27
C ARG E 284 10.48 -23.65 -9.93
N LYS E 285 10.54 -24.40 -8.83
CA LYS E 285 9.38 -25.17 -8.35
C LYS E 285 8.28 -24.27 -7.82
N ALA E 286 8.67 -23.35 -6.95
CA ALA E 286 7.71 -22.42 -6.35
C ALA E 286 6.96 -21.60 -7.40
N PHE E 287 7.65 -21.16 -8.45
CA PHE E 287 7.02 -20.37 -9.53
C PHE E 287 5.98 -21.18 -10.31
N LYS E 288 6.26 -22.45 -10.58
CA LYS E 288 5.27 -23.32 -11.23
C LYS E 288 4.07 -23.50 -10.31
N ARG E 289 4.35 -23.82 -9.04
CA ARG E 289 3.31 -23.96 -8.03
C ARG E 289 2.44 -22.70 -7.91
N LEU E 290 3.05 -21.52 -7.99
CA LEU E 290 2.31 -20.26 -7.90
C LEU E 290 1.48 -19.93 -9.14
N LEU E 291 1.91 -20.36 -10.32
CA LEU E 291 1.18 -20.10 -11.56
C LEU E 291 0.35 -21.33 -11.98
N ALA E 292 -0.27 -22.00 -11.01
CA ALA E 292 -0.75 -23.39 -11.20
C ALA E 292 -2.08 -23.46 -11.94
N PHE E 293 -3.16 -23.06 -11.26
CA PHE E 293 -4.53 -23.26 -11.77
C PHE E 293 -4.77 -22.52 -13.11
N GLN F 2 26.65 -36.20 -16.18
CA GLN F 2 25.84 -36.39 -14.94
C GLN F 2 26.74 -36.73 -13.75
N VAL F 3 26.43 -36.16 -12.58
CA VAL F 3 27.15 -36.43 -11.33
C VAL F 3 26.56 -37.66 -10.67
N GLN F 4 27.44 -38.53 -10.16
CA GLN F 4 27.03 -39.61 -9.24
C GLN F 4 27.99 -39.69 -8.06
N LEU F 5 27.45 -40.06 -6.91
CA LEU F 5 28.24 -40.22 -5.70
C LEU F 5 28.22 -41.69 -5.28
N GLN F 6 29.40 -42.30 -5.23
CA GLN F 6 29.54 -43.74 -4.95
C GLN F 6 30.15 -43.92 -3.56
N GLU F 7 29.36 -44.47 -2.64
CA GLU F 7 29.79 -44.70 -1.24
C GLU F 7 30.35 -46.12 -1.03
N SER F 8 31.40 -46.20 -0.24
CA SER F 8 31.99 -47.48 0.11
C SER F 8 32.70 -47.38 1.45
N GLY F 9 32.94 -48.55 2.05
CA GLY F 9 33.69 -48.64 3.31
C GLY F 9 32.83 -48.91 4.51
N GLY F 10 31.51 -48.90 4.34
CA GLY F 10 30.60 -49.17 5.45
C GLY F 10 30.46 -50.64 5.76
N GLY F 11 29.84 -50.94 6.90
CA GLY F 11 29.47 -52.31 7.25
C GLY F 11 29.35 -52.58 8.74
N LEU F 12 29.53 -53.85 9.09
CA LEU F 12 29.59 -54.29 10.48
C LEU F 12 31.02 -54.14 11.02
N VAL F 13 31.10 -53.81 12.30
CA VAL F 13 32.38 -53.62 12.97
C VAL F 13 32.14 -53.64 14.48
N GLN F 14 33.11 -54.19 15.19
CA GLN F 14 33.06 -54.29 16.65
C GLN F 14 33.29 -52.91 17.26
N ALA F 15 32.57 -52.61 18.34
CA ALA F 15 32.79 -51.38 19.11
C ALA F 15 34.26 -51.27 19.55
N GLY F 16 34.77 -50.05 19.55
CA GLY F 16 36.19 -49.79 19.76
C GLY F 16 37.02 -49.83 18.49
N GLY F 17 36.44 -50.32 17.38
CA GLY F 17 37.18 -50.50 16.12
C GLY F 17 37.16 -49.27 15.23
N SER F 18 37.41 -49.49 13.94
CA SER F 18 37.50 -48.39 13.00
C SER F 18 37.03 -48.77 11.58
N LEU F 19 36.44 -47.78 10.89
CA LEU F 19 36.12 -47.87 9.48
C LEU F 19 36.65 -46.67 8.74
N ARG F 20 36.65 -46.77 7.41
CA ARG F 20 37.08 -45.68 6.54
C ARG F 20 36.14 -45.59 5.35
N LEU F 21 35.17 -44.67 5.47
CA LEU F 21 34.25 -44.37 4.38
C LEU F 21 34.97 -43.61 3.28
N SER F 22 34.40 -43.70 2.09
CA SER F 22 35.00 -43.12 0.91
C SER F 22 33.91 -42.85 -0.12
N CYS F 23 33.76 -41.58 -0.51
CA CYS F 23 32.75 -41.18 -1.49
C CYS F 23 33.44 -40.59 -2.70
N ALA F 24 33.32 -41.25 -3.86
CA ALA F 24 33.92 -40.79 -5.11
C ALA F 24 32.85 -40.20 -6.00
N ALA F 25 32.93 -38.88 -6.22
CA ALA F 25 31.98 -38.15 -7.04
C ALA F 25 32.45 -38.12 -8.50
N SER F 26 31.78 -38.90 -9.36
CA SER F 26 32.11 -38.98 -10.77
C SER F 26 31.16 -38.09 -11.55
N GLY F 27 31.70 -37.00 -12.08
CA GLY F 27 30.93 -35.99 -12.80
C GLY F 27 31.49 -34.59 -12.59
N SER F 28 30.88 -33.63 -13.27
CA SER F 28 31.38 -32.25 -13.28
C SER F 28 30.97 -31.49 -12.01
N ILE F 29 31.97 -31.13 -11.20
CA ILE F 29 31.76 -30.33 -10.01
C ILE F 29 32.57 -29.03 -10.14
N PHE F 30 32.02 -27.94 -9.59
CA PHE F 30 32.68 -26.64 -9.59
C PHE F 30 33.84 -26.71 -8.61
N ALA F 31 34.93 -26.02 -8.94
CA ALA F 31 36.12 -25.97 -8.10
C ALA F 31 35.80 -25.61 -6.65
N LEU F 32 34.91 -24.66 -6.46
CA LEU F 32 34.45 -24.27 -5.12
C LEU F 32 33.25 -25.13 -4.70
N ASN F 33 33.43 -25.89 -3.61
CA ASN F 33 32.42 -26.84 -3.15
C ASN F 33 32.67 -27.33 -1.73
N ILE F 34 31.67 -27.99 -1.15
CA ILE F 34 31.81 -28.71 0.10
C ILE F 34 31.45 -30.17 -0.11
N MET F 35 32.36 -31.08 0.26
CA MET F 35 32.08 -32.52 0.34
C MET F 35 31.94 -32.90 1.82
N GLY F 36 30.91 -33.68 2.12
CA GLY F 36 30.55 -33.98 3.50
C GLY F 36 29.91 -35.35 3.70
N TRP F 37 29.81 -35.71 4.98
CA TRP F 37 29.14 -36.91 5.42
C TRP F 37 28.06 -36.51 6.40
N TYR F 38 26.86 -37.01 6.16
CA TYR F 38 25.73 -36.88 7.08
C TYR F 38 25.30 -38.28 7.46
N ARG F 39 24.53 -38.40 8.54
CA ARG F 39 24.01 -39.69 8.98
C ARG F 39 22.60 -39.58 9.57
N GLN F 40 21.87 -40.69 9.52
CA GLN F 40 20.51 -40.74 10.06
C GLN F 40 20.31 -42.04 10.83
N ALA F 41 20.36 -41.97 12.15
CA ALA F 41 20.04 -43.13 13.03
C ALA F 41 18.54 -43.49 12.91
N PRO F 42 18.18 -44.79 13.12
CA PRO F 42 16.81 -45.18 12.83
C PRO F 42 15.82 -44.43 13.72
N GLY F 43 14.76 -43.89 13.12
CA GLY F 43 13.78 -43.08 13.83
C GLY F 43 14.33 -41.81 14.45
N LYS F 44 15.33 -41.21 13.80
CA LYS F 44 15.88 -39.90 14.19
C LYS F 44 16.05 -39.06 12.93
N GLN F 45 16.43 -37.80 13.10
CA GLN F 45 16.65 -36.91 11.97
C GLN F 45 18.09 -37.00 11.51
N ARG F 46 18.31 -36.62 10.26
CA ARG F 46 19.64 -36.58 9.65
C ARG F 46 20.46 -35.49 10.31
N GLU F 47 21.73 -35.78 10.57
CA GLU F 47 22.64 -34.83 11.21
C GLU F 47 23.96 -34.80 10.46
N LEU F 48 24.66 -33.67 10.52
CA LEU F 48 25.98 -33.56 9.92
C LEU F 48 26.97 -34.31 10.79
N VAL F 49 27.79 -35.14 10.16
CA VAL F 49 28.89 -35.83 10.81
C VAL F 49 30.13 -34.97 10.65
N ALA F 50 30.53 -34.74 9.40
CA ALA F 50 31.73 -33.97 9.08
C ALA F 50 31.74 -33.48 7.65
N ALA F 51 32.45 -32.37 7.42
CA ALA F 51 32.48 -31.70 6.12
C ALA F 51 33.82 -31.01 5.86
N ILE F 52 34.21 -31.00 4.58
CA ILE F 52 35.44 -30.36 4.17
C ILE F 52 35.20 -29.54 2.90
N HIS F 53 35.60 -28.27 2.97
CA HIS F 53 35.52 -27.32 1.85
C HIS F 53 36.67 -27.54 0.86
N SER F 54 36.51 -27.07 -0.37
CA SER F 54 37.57 -27.17 -1.41
C SER F 54 38.89 -26.53 -0.98
N GLY F 55 38.79 -25.40 -0.27
CA GLY F 55 39.93 -24.74 0.34
C GLY F 55 40.73 -25.61 1.32
N GLY F 56 40.04 -26.38 2.14
CA GLY F 56 40.67 -27.25 3.15
C GLY F 56 40.15 -27.12 4.56
N THR F 57 39.41 -26.04 4.84
CA THR F 57 38.74 -25.87 6.13
C THR F 57 37.75 -27.01 6.36
N THR F 58 37.56 -27.36 7.63
CA THR F 58 36.70 -28.48 8.01
C THR F 58 35.71 -28.12 9.12
N ASN F 59 34.74 -28.99 9.33
CA ASN F 59 33.67 -28.77 10.30
C ASN F 59 33.19 -30.13 10.77
N TYR F 60 33.16 -30.34 12.08
CA TYR F 60 32.80 -31.63 12.69
C TYR F 60 31.68 -31.47 13.70
N ALA F 61 30.77 -32.46 13.78
CA ALA F 61 29.81 -32.55 14.89
C ALA F 61 30.52 -32.86 16.22
N ASN F 62 29.92 -32.44 17.33
CA ASN F 62 30.53 -32.60 18.65
C ASN F 62 30.67 -34.07 19.06
N SER F 63 29.66 -34.88 18.77
CA SER F 63 29.70 -36.31 19.12
C SER F 63 30.90 -37.06 18.49
N VAL F 64 31.32 -36.66 17.29
CA VAL F 64 32.43 -37.32 16.58
C VAL F 64 33.81 -36.63 16.67
N LYS F 65 33.88 -35.50 17.38
CA LYS F 65 35.13 -34.75 17.51
C LYS F 65 36.19 -35.58 18.23
N GLY F 66 37.42 -35.50 17.72
CA GLY F 66 38.53 -36.29 18.25
C GLY F 66 38.57 -37.76 17.83
N ARG F 67 37.52 -38.22 17.14
CA ARG F 67 37.41 -39.61 16.71
C ARG F 67 37.43 -39.72 15.19
N PHE F 68 36.48 -39.03 14.55
CA PHE F 68 36.36 -39.07 13.09
C PHE F 68 37.25 -37.98 12.48
N THR F 69 37.75 -38.25 11.28
CA THR F 69 38.60 -37.31 10.54
C THR F 69 38.23 -37.33 9.06
N ILE F 70 37.94 -36.15 8.52
CA ILE F 70 37.53 -35.99 7.13
C ILE F 70 38.69 -35.38 6.34
N SER F 71 38.87 -35.88 5.14
CA SER F 71 39.97 -35.46 4.29
C SER F 71 39.52 -35.74 2.89
N ARG F 72 40.14 -35.08 1.91
CA ARG F 72 39.73 -35.26 0.54
C ARG F 72 40.92 -35.49 -0.36
N ASP F 73 40.67 -36.25 -1.43
CA ASP F 73 41.67 -36.50 -2.46
C ASP F 73 41.94 -35.18 -3.18
N ASN F 74 43.22 -34.81 -3.22
CA ASN F 74 43.68 -33.58 -3.88
C ASN F 74 43.40 -33.58 -5.41
N ALA F 75 43.62 -34.72 -6.06
CA ALA F 75 43.35 -34.87 -7.50
C ALA F 75 41.86 -35.03 -7.76
N ALA F 76 41.33 -36.22 -7.44
CA ALA F 76 39.93 -36.57 -7.77
C ALA F 76 38.91 -35.97 -6.79
N ASN F 77 37.65 -35.97 -7.21
CA ASN F 77 36.53 -35.61 -6.34
C ASN F 77 36.18 -36.80 -5.47
N THR F 78 37.00 -37.04 -4.44
CA THR F 78 36.76 -38.13 -3.50
C THR F 78 37.03 -37.67 -2.07
N VAL F 79 36.11 -37.98 -1.17
CA VAL F 79 36.19 -37.56 0.22
C VAL F 79 36.16 -38.79 1.12
N TYR F 80 37.04 -38.78 2.13
CA TYR F 80 37.23 -39.91 3.03
C TYR F 80 36.86 -39.52 4.46
N LEU F 81 36.08 -40.37 5.13
CA LEU F 81 35.84 -40.23 6.57
C LEU F 81 36.47 -41.41 7.31
N GLN F 82 37.54 -41.13 8.05
CA GLN F 82 38.23 -42.13 8.84
C GLN F 82 37.59 -42.18 10.23
N MET F 83 36.76 -43.19 10.47
CA MET F 83 36.03 -43.32 11.74
C MET F 83 36.75 -44.26 12.70
N ASN F 84 37.32 -43.71 13.78
CA ASN F 84 38.00 -44.51 14.83
C ASN F 84 37.22 -44.45 16.14
N SER F 85 37.55 -45.34 17.08
CA SER F 85 36.90 -45.42 18.41
C SER F 85 35.38 -45.54 18.33
N LEU F 86 34.91 -46.37 17.39
CA LEU F 86 33.48 -46.47 17.10
C LEU F 86 32.68 -46.95 18.30
N LYS F 87 31.42 -46.50 18.38
CA LYS F 87 30.51 -46.85 19.47
C LYS F 87 29.19 -47.26 18.87
N PRO F 88 28.37 -48.02 19.62
CA PRO F 88 27.05 -48.39 19.08
C PRO F 88 26.13 -47.19 18.78
N GLU F 89 26.38 -46.06 19.44
CA GLU F 89 25.65 -44.82 19.18
C GLU F 89 25.82 -44.31 17.74
N ASP F 90 26.99 -44.57 17.13
CA ASP F 90 27.27 -44.14 15.74
C ASP F 90 26.53 -44.93 14.66
N THR F 91 25.85 -46.01 15.03
CA THR F 91 25.10 -46.81 14.09
C THR F 91 24.05 -45.96 13.36
N ALA F 92 24.22 -45.86 12.05
CA ALA F 92 23.26 -45.15 11.20
C ALA F 92 23.53 -45.41 9.71
N VAL F 93 22.63 -44.93 8.87
CA VAL F 93 22.85 -44.87 7.43
C VAL F 93 23.64 -43.60 7.19
N TYR F 94 24.84 -43.71 6.61
CA TYR F 94 25.70 -42.56 6.32
C TYR F 94 25.55 -42.15 4.86
N TYR F 95 25.27 -40.86 4.64
CA TYR F 95 25.10 -40.29 3.30
C TYR F 95 26.23 -39.32 2.93
N CYS F 96 26.70 -39.41 1.69
CA CYS F 96 27.70 -38.50 1.16
C CYS F 96 26.98 -37.32 0.53
N ASN F 97 27.43 -36.10 0.83
CA ASN F 97 26.81 -34.86 0.28
C ASN F 97 27.85 -34.01 -0.44
N VAL F 98 27.46 -33.43 -1.57
CA VAL F 98 28.26 -32.43 -2.28
C VAL F 98 27.42 -31.17 -2.47
N LYS F 99 27.90 -30.03 -1.95
CA LYS F 99 27.35 -28.72 -2.29
C LYS F 99 28.20 -28.07 -3.35
N ASP F 100 27.62 -27.91 -4.53
CA ASP F 100 28.26 -27.27 -5.68
C ASP F 100 27.89 -25.77 -5.70
N PHE F 101 28.89 -24.89 -5.67
CA PHE F 101 28.65 -23.43 -5.71
C PHE F 101 28.73 -22.83 -7.12
N GLY F 102 28.51 -23.64 -8.16
CA GLY F 102 28.70 -23.21 -9.54
C GLY F 102 27.72 -22.16 -10.08
N ALA F 103 26.59 -21.99 -9.39
CA ALA F 103 25.60 -20.99 -9.78
C ALA F 103 25.80 -19.64 -9.07
N ILE F 104 26.70 -19.60 -8.09
CA ILE F 104 27.03 -18.38 -7.33
C ILE F 104 25.94 -17.95 -6.36
N ILE F 105 24.72 -17.78 -6.86
CA ILE F 105 23.64 -17.21 -6.05
C ILE F 105 23.04 -18.29 -5.15
N TYR F 106 22.98 -19.51 -5.67
CA TYR F 106 22.47 -20.66 -4.92
C TYR F 106 23.43 -21.85 -5.05
N ASP F 107 23.25 -22.79 -4.13
CA ASP F 107 24.04 -24.02 -4.12
C ASP F 107 23.15 -25.14 -4.60
N TYR F 108 23.71 -25.99 -5.48
CA TYR F 108 23.06 -27.21 -5.91
C TYR F 108 23.59 -28.39 -5.09
N ASP F 109 22.67 -29.21 -4.57
CA ASP F 109 23.01 -30.35 -3.71
C ASP F 109 22.93 -31.71 -4.42
N TYR F 110 23.95 -32.53 -4.16
CA TYR F 110 23.97 -33.93 -4.58
C TYR F 110 24.01 -34.79 -3.33
N TRP F 111 23.15 -35.81 -3.27
CA TRP F 111 23.17 -36.78 -2.18
C TRP F 111 23.44 -38.20 -2.70
N GLY F 112 24.24 -38.95 -1.95
CA GLY F 112 24.43 -40.37 -2.22
C GLY F 112 23.24 -41.23 -1.76
N GLN F 113 23.16 -42.45 -2.30
CA GLN F 113 22.12 -43.41 -1.90
C GLN F 113 22.20 -43.77 -0.41
N GLY F 114 23.43 -43.81 0.10
CA GLY F 114 23.71 -44.08 1.49
C GLY F 114 24.41 -45.41 1.64
N THR F 115 25.12 -45.57 2.75
CA THR F 115 25.76 -46.84 3.10
C THR F 115 25.58 -47.10 4.60
N GLN F 116 25.26 -48.35 4.93
CA GLN F 116 24.93 -48.72 6.30
C GLN F 116 26.20 -48.95 7.10
N VAL F 117 26.19 -48.45 8.32
CA VAL F 117 27.26 -48.68 9.27
C VAL F 117 26.60 -49.14 10.56
N THR F 118 26.94 -50.34 11.01
CA THR F 118 26.40 -50.90 12.24
C THR F 118 27.53 -51.26 13.18
N VAL F 119 27.51 -50.67 14.37
CA VAL F 119 28.51 -50.96 15.37
C VAL F 119 27.86 -51.75 16.51
N SER F 120 28.35 -52.98 16.72
CA SER F 120 27.82 -53.88 17.76
C SER F 120 28.67 -53.75 19.03
N SER F 121 28.05 -54.03 20.18
CA SER F 121 28.64 -53.79 21.50
C SER F 121 29.84 -54.67 21.79
C30 2CV G . -31.74 -28.34 48.27
N33 2CV G . -31.07 -27.67 49.22
O34 2CV G . -32.86 -28.82 48.40
C35 2CV G . -30.91 -26.20 49.26
C36 2CV G . -30.43 -28.40 50.32
C37 2CV G . -28.93 -28.05 50.47
C40 2CV G . -28.14 -29.16 51.19
C41 2CV G . -26.94 -28.61 51.99
C42 2CV G . -25.95 -29.60 52.62
C43 2CV G . -24.63 -28.87 52.89
O44 2CV G . -23.75 -29.79 53.50
O47 2CV G . -28.79 -26.78 51.14
O49 2CV G . -27.74 -30.12 50.21
O51 2CV G . -27.46 -27.86 53.10
O53 2CV G . -25.64 -30.73 51.81
C60 2CV G . -31.93 -25.44 48.41
O63 2CV G . -33.25 -25.59 48.93
NA NA H . -10.96 -25.32 5.01
C9 2CV I . -1.78 -2.94 -9.66
C12 2CV I . -0.73 -3.40 -8.65
C15 2CV I . -0.98 -4.89 -8.35
C18 2CV I . 0.01 -5.54 -7.42
C21 2CV I . -0.35 -5.21 -5.97
C24 2CV I . 0.86 -5.18 -5.07
C27 2CV I . 1.61 -6.51 -5.06
C30 2CV I . 0.84 -7.49 -4.22
N33 2CV I . 1.26 -7.86 -2.98
O34 2CV I . -0.20 -7.92 -4.70
C35 2CV I . 2.56 -7.49 -2.38
C36 2CV I . 0.35 -8.60 -2.08
C37 2CV I . 0.40 -10.10 -2.35
C40 2CV I . 1.69 -10.78 -1.89
C41 2CV I . 1.44 -12.27 -1.66
C42 2CV I . 2.56 -12.95 -0.86
C43 2CV I . 2.38 -14.47 -0.85
O44 2CV I . 3.49 -15.16 -0.26
O47 2CV I . 0.25 -10.32 -3.76
O49 2CV I . 2.25 -10.17 -0.73
O51 2CV I . 1.32 -12.87 -2.95
O53 2CV I . 2.51 -12.45 0.47
C60 2CV I . 3.65 -8.32 -3.03
O63 2CV I . 4.23 -9.19 -2.05
C1 2CV I . -1.81 -1.44 -9.91
C0 2CV I . -3.15 -1.08 -10.54
C9 2CV J . -3.76 4.19 -2.47
C12 2CV J . -5.01 4.96 -2.86
C15 2CV J . -5.44 4.74 -4.32
C18 2CV J . -4.66 5.57 -5.35
C21 2CV J . -4.66 4.91 -6.75
C24 2CV J . -5.04 5.84 -7.91
C27 2CV J . -3.83 6.36 -8.71
C30 2CV J . -4.23 6.98 -10.06
N33 2CV J . -3.77 8.19 -10.48
O34 2CV J . -4.99 6.33 -10.75
C35 2CV J . -2.64 8.93 -9.86
C36 2CV J . -4.39 8.87 -11.67
C37 2CV J . -3.36 9.13 -12.78
C40 2CV J . -3.95 9.89 -13.97
C41 2CV J . -4.36 9.02 -15.17
C42 2CV J . -5.00 9.80 -16.33
C43 2CV J . -3.96 10.31 -17.31
O44 2CV J . -4.62 11.18 -18.25
O47 2CV J . -2.74 7.90 -13.20
O49 2CV J . -2.97 10.84 -14.43
O51 2CV J . -5.32 8.07 -14.73
O53 2CV J . -5.77 10.90 -15.84
C60 2CV J . -3.09 10.35 -9.48
O63 2CV J . -2.23 10.89 -8.48
C1 2CV J . -3.93 2.68 -2.53
C0 2CV J . -2.87 1.93 -1.74
C9 2CV K . -13.11 18.77 18.43
C12 2CV K . -12.38 17.43 18.48
C15 2CV K . -10.86 17.59 18.47
C18 2CV K . -10.16 16.48 17.69
C21 2CV K . -10.46 15.13 18.33
C24 2CV K . -9.21 14.29 18.41
C27 2CV K . -8.76 13.86 17.02
C30 2CV K . -7.68 12.82 17.10
N33 2CV K . -7.89 11.47 17.05
O34 2CV K . -6.56 13.28 17.19
C35 2CV K . -9.21 10.86 16.99
C36 2CV K . -6.79 10.48 17.07
C37 2CV K . -6.17 10.45 15.67
C40 2CV K . -4.90 9.62 15.49
C41 2CV K . -5.06 8.14 15.79
C42 2CV K . -3.73 7.34 15.69
C43 2CV K . -3.16 7.10 14.29
O44 2CV K . -2.09 6.14 14.42
O47 2CV K . -5.75 11.75 15.33
O49 2CV K . -3.89 10.19 16.29
O51 2CV K . -6.07 7.70 14.90
O53 2CV K . -3.84 6.03 16.27
C60 2CV K . -9.66 10.68 18.44
O63 2CV K . -10.86 11.45 18.66
C1 2CV K . -13.27 19.51 19.77
C0 2CV K . -13.98 20.86 19.59
C9 2CV L . -18.07 -6.00 -6.92
C12 2CV L . -18.56 -4.55 -7.00
C15 2CV L . -17.85 -3.77 -8.11
C18 2CV L . -18.17 -2.27 -8.04
C21 2CV L . -17.35 -1.52 -9.08
C24 2CV L . -17.30 -0.05 -8.75
C27 2CV L . -18.64 0.60 -9.04
C30 2CV L . -18.48 2.10 -9.03
N33 2CV L . -18.07 2.80 -10.15
O34 2CV L . -18.75 2.62 -7.95
C35 2CV L . -17.60 2.22 -11.43
C36 2CV L . -18.09 4.29 -10.14
C37 2CV L . -19.36 4.75 -10.84
C40 2CV L . -19.50 6.26 -10.71
O47 2CV L . -20.53 4.19 -10.24
C60 2CV L . -16.33 2.88 -11.97
C1 2CV L . -18.63 -6.71 -5.68
C0 2CV L . -18.75 -8.19 -5.88
O3 Y00 M . -17.46 -14.93 12.40
C16 Y00 M . -16.32 -14.60 11.74
C15 Y00 M . -15.24 -15.49 11.73
C14 Y00 M . -14.06 -15.14 11.07
C17 Y00 M . -16.26 -13.39 11.07
C18 Y00 M . -15.08 -13.03 10.41
C13 Y00 M . -13.99 -13.92 10.41
C12 Y00 M . -12.71 -13.54 9.68
C11 Y00 M . -12.94 -13.70 8.18
C9 Y00 M . -11.77 -13.19 7.35
C10 Y00 M . -11.96 -13.63 5.89
N1 Y00 M . -11.62 -11.74 7.47
C8 Y00 M . -10.36 -11.09 7.10
C1 Y00 M . -10.39 -9.57 7.16
C2 Y00 M . -9.21 -9.00 6.40
C7 Y00 M . -7.89 -9.43 6.68
C6 Y00 M . -6.81 -8.90 5.97
O1 Y00 M . -5.53 -9.31 6.23
C5 Y00 M . -7.06 -7.88 4.92
O2 Y00 M . -6.02 -7.36 4.23
C4 Y00 M . -8.38 -7.48 4.68
C3 Y00 M . -9.43 -8.02 5.41
C9 2CV N . 9.29 0.31 0.99
C12 2CV N . 9.52 0.56 2.48
C15 2CV N . 10.82 -0.01 2.95
C18 2CV N . 10.65 -1.30 3.72
C21 2CV N . 12.07 -1.76 3.98
C24 2CV N . 12.10 -2.94 4.91
C27 2CV N . 11.95 -4.18 4.07
C30 2CV N . 11.63 -5.18 5.14
N33 2CV N . 11.95 -6.47 5.04
O34 2CV N . 11.09 -4.74 6.12
C35 2CV N . 12.91 -6.91 4.04
C36 2CV N . 11.29 -7.42 5.96
C37 2CV N . 12.30 -7.77 7.07
C40 2CV N . 11.73 -8.79 8.06
C41 2CV N . 11.87 -10.22 7.51
C42 2CV N . 11.17 -11.33 8.33
C43 2CV N . 11.03 -12.65 7.55
O44 2CV N . 10.76 -13.75 8.44
O47 2CV N . 12.65 -6.56 7.72
O49 2CV N . 10.36 -8.48 8.38
O51 2CV N . 13.27 -10.50 7.47
O53 2CV N . 9.86 -10.92 8.75
C60 2CV N . 13.19 -8.42 4.00
O63 2CV N . 12.00 -9.23 3.95
C1 2CV N . 8.31 1.37 0.50
C0 2CV N . 8.97 2.65 0.05
NA NA O . 9.30 22.16 -9.69
C9 2CV P . 3.77 1.63 -2.13
C12 2CV P . 4.54 0.31 -2.18
C15 2CV P . 3.91 -0.70 -1.24
C18 2CV P . 4.86 -1.85 -0.86
C21 2CV P . 4.56 -2.23 0.59
C24 2CV P . 4.81 -3.68 0.82
C27 2CV P . 6.29 -3.87 0.72
C30 2CV P . 6.48 -5.31 1.01
N33 2CV P . 6.77 -5.73 2.26
O34 2CV P . 6.31 -6.06 0.06
C35 2CV P . 6.28 -5.00 3.45
C36 2CV P . 7.55 -6.97 2.42
C37 2CV P . 6.61 -8.09 2.90
C40 2CV P . 7.34 -9.42 3.13
C41 2CV P . 8.32 -9.42 4.30
C42 2CV P . 8.81 -10.81 4.73
C43 2CV P . 9.62 -11.57 3.69
O44 2CV P . 10.51 -12.51 4.30
O47 2CV P . 5.62 -8.35 1.92
O49 2CV P . 8.03 -9.78 1.93
O51 2CV P . 7.68 -8.79 5.41
O53 2CV P . 7.71 -11.64 5.04
C60 2CV P . 7.27 -5.08 4.62
O63 2CV P . 7.16 -6.32 5.32
C1 2CV P . 4.51 2.67 -1.27
C0 2CV P . 3.69 3.92 -1.00
C18 2CV Q . 32.41 -5.16 -15.50
C21 2CV Q . 31.75 -5.21 -16.87
C24 2CV Q . 32.27 -6.39 -17.71
C27 2CV Q . 31.54 -7.68 -17.36
C30 2CV Q . 31.96 -8.85 -18.23
N33 2CV Q . 33.01 -9.66 -17.91
O34 2CV Q . 31.28 -9.03 -19.24
C35 2CV Q . 33.88 -9.46 -16.73
C36 2CV Q . 33.44 -10.82 -18.77
C37 2CV Q . 32.54 -12.05 -18.62
C40 2CV Q . 32.95 -13.22 -19.51
O47 2CV Q . 31.21 -11.75 -19.04
O49 2CV Q . 34.19 -13.76 -19.11
C60 2CV Q . 33.40 -10.38 -15.62
O63 2CV Q . 34.36 -11.42 -15.36
C9 2CV R . 14.99 0.95 9.41
C12 2CV R . 13.71 1.33 8.67
C15 2CV R . 13.97 2.12 7.39
C18 2CV R . 12.66 2.40 6.69
C21 2CV R . 12.75 3.48 5.63
C24 2CV R . 11.35 3.86 5.16
C27 2CV R . 11.37 4.93 4.07
C30 2CV R . 10.02 5.61 3.95
N33 2CV R . 9.69 6.72 4.66
O34 2CV R . 9.23 5.09 3.16
C35 2CV R . 10.57 7.32 5.68
C36 2CV R . 8.42 7.44 4.48
C37 2CV R . 8.56 8.41 3.29
C40 2CV R . 7.52 9.54 3.22
C41 2CV R . 7.61 10.60 4.33
C42 2CV R . 6.64 11.78 4.09
C43 2CV R . 7.29 13.15 3.99
O44 2CV R . 6.29 14.18 3.99
O47 2CV R . 8.44 7.66 2.09
O49 2CV R . 6.22 8.95 3.23
O51 2CV R . 8.96 11.03 4.46
O53 2CV R . 5.68 11.83 5.17
C60 2CV R . 11.59 8.22 4.97
O63 2CV R . 11.21 9.59 5.11
C1 2CV R . 15.46 2.03 10.39
C0 2CV R . 16.77 1.66 11.08
O3 Y00 S . 10.42 10.17 -17.61
C16 Y00 S . 11.38 10.38 -16.67
C15 Y00 S . 11.88 11.67 -16.48
C14 Y00 S . 12.86 11.89 -15.52
C17 Y00 S . 11.86 9.31 -15.92
C18 Y00 S . 12.83 9.54 -14.95
C13 Y00 S . 13.34 10.83 -14.74
C12 Y00 S . 14.41 11.09 -13.71
C11 Y00 S . 13.80 11.10 -12.33
C9 Y00 S . 14.82 11.18 -11.20
C10 Y00 S . 14.08 11.43 -9.88
N1 Y00 S . 15.67 9.99 -11.13
C8 Y00 S . 16.95 10.01 -10.43
C1 Y00 S . 17.67 8.66 -10.36
C2 Y00 S . 18.75 8.69 -9.28
C7 Y00 S . 19.73 9.69 -9.28
C6 Y00 S . 20.72 9.73 -8.30
O1 Y00 S . 21.68 10.70 -8.29
C5 Y00 S . 20.71 8.68 -7.26
O2 Y00 S . 21.66 8.71 -6.28
C4 Y00 S . 19.73 7.70 -7.28
C3 Y00 S . 18.76 7.70 -8.29
#